data_3K3W
#
_entry.id   3K3W
#
_cell.length_a   72.929
_cell.length_b   86.016
_cell.length_c   260.181
_cell.angle_alpha   90.000
_cell.angle_beta   90.000
_cell.angle_gamma   90.000
#
_symmetry.space_group_name_H-M   'C 2 2 21'
#
loop_
_entity.id
_entity.type
_entity.pdbx_description
1 polymer 'Penicillin G acylase'
2 polymer 'Penicillin G acylase'
3 non-polymer 'CALCIUM ION'
4 water water
#
loop_
_entity_poly.entity_id
_entity_poly.type
_entity_poly.pdbx_seq_one_letter_code
_entity_poly.pdbx_strand_id
1 'polypeptide(L)'
;QVQSVEVMRDSYGVPHVFADSHYGLYYGYGYAVAQDRLFQMDMARRSFVGTTAAVLGPGEQDAYVKYDMQVRQNFTPASI
QRQIAALSKDERDIFRGYADGYNAYLEQVRRRPELLPKEYVDFDFQPEPLTDFDVVMIWVGSMANRFSDTNLEVTALAMR
QSLEKQHGPERGRALFDELLWINDTTAPTTVPAPAA
;
A
2 'polypeptide(L)'
;SNLWSTRPERVQEGSTVLINGPQFGWYNPAYTYGIGLHGAGFDVVGNTPFAYPIVLFGTNSEIAWGATAGPQDVVDIYQE
KLNPSRADQYWFNNAWRTMEQRKERIQVRGQADREMTIWRTVHGPVMQFDYDQGAAYSKKRSWDGYEVQSLLAWLNVAKA
RNWTEFLDQASKMAISINWYYADKHGNIGYVSPAFLPQRPADQDIRVPAKGDGSMEWLGIKSFDAIPKAYNPPQGYLVNW
NNKPAPDKTNTDTYYWTYGDRMNELVSQYQQKDLFSVQEIWEFNQKASYSDVNWRYFRPHLEKLAQQLPADDSSKAALTM
LLAWDGMEQDQGGQNAGPARVLFKTWLEEMYKQVLMPVVPESHRAMYSQTGFATQQGPNPGSINLSMGTKVLLRALVLEA
HPDPKRVNVFGERSSQEIMHTALQNAQARLSQEQGAQMARWTMPTSVHRFSDKNFTGTPQTMPGNTFAFTGYQNRGTENN
RVVFDAKGVEFCDAMPPGQSGFTDRNGVRSPHYEDQLKLYENFECKTMDVTHADIRRNAQSSTMLLIQPQP
;
B
#
loop_
_chem_comp.id
_chem_comp.type
_chem_comp.name
_chem_comp.formula
CA non-polymer 'CALCIUM ION' 'Ca 2'
#
# COMPACT_ATOMS: atom_id res chain seq x y z
N GLN A 1 -12.83 -24.77 -31.60
CA GLN A 1 -12.40 -23.42 -31.11
C GLN A 1 -11.01 -23.07 -31.64
N VAL A 2 -10.98 -22.23 -32.67
CA VAL A 2 -9.72 -21.76 -33.27
C VAL A 2 -9.84 -20.27 -33.61
N GLN A 3 -8.83 -19.49 -33.21
CA GLN A 3 -8.87 -18.03 -33.34
C GLN A 3 -7.49 -17.40 -33.46
N SER A 4 -7.45 -16.07 -33.58
CA SER A 4 -6.19 -15.34 -33.68
C SER A 4 -6.16 -14.12 -32.76
N VAL A 5 -4.99 -13.86 -32.18
CA VAL A 5 -4.79 -12.71 -31.29
C VAL A 5 -3.66 -11.83 -31.83
N GLU A 6 -3.87 -10.52 -31.80
CA GLU A 6 -2.83 -9.58 -32.22
C GLU A 6 -2.41 -8.62 -31.10
N VAL A 7 -1.10 -8.61 -30.83
CA VAL A 7 -0.52 -7.74 -29.81
C VAL A 7 0.09 -6.50 -30.49
N MET A 8 -0.38 -5.32 -30.07
CA MET A 8 0.06 -4.06 -30.67
C MET A 8 0.84 -3.20 -29.69
N ARG A 9 1.95 -2.64 -30.15
CA ARG A 9 2.82 -1.79 -29.35
C ARG A 9 2.64 -0.32 -29.74
N ASP A 10 2.35 0.53 -28.75
CA ASP A 10 2.25 1.97 -28.99
C ASP A 10 3.64 2.62 -29.00
N SER A 11 3.67 3.95 -29.00
CA SER A 11 4.92 4.70 -29.00
C SER A 11 5.77 4.51 -27.74
N TYR A 12 5.13 4.08 -26.65
CA TYR A 12 5.81 3.88 -25.37
C TYR A 12 6.02 2.40 -25.01
N GLY A 13 5.46 1.50 -25.84
CA GLY A 13 5.71 0.07 -25.72
C GLY A 13 4.68 -0.76 -24.98
N VAL A 14 3.52 -0.17 -24.70
CA VAL A 14 2.44 -0.91 -24.01
C VAL A 14 1.59 -1.71 -25.00
N PRO A 15 1.26 -2.97 -24.64
CA PRO A 15 0.47 -3.83 -25.52
C PRO A 15 -1.03 -3.54 -25.52
N HIS A 16 -1.64 -3.65 -26.69
CA HIS A 16 -3.10 -3.63 -26.86
C HIS A 16 -3.51 -4.94 -27.53
N VAL A 17 -4.22 -5.79 -26.80
CA VAL A 17 -4.60 -7.11 -27.32
C VAL A 17 -6.00 -7.15 -27.91
N PHE A 18 -6.12 -7.78 -29.08
CA PHE A 18 -7.40 -7.95 -29.76
C PHE A 18 -7.70 -9.43 -29.97
N ALA A 19 -8.78 -9.89 -29.34
CA ALA A 19 -9.20 -11.30 -29.42
C ALA A 19 -10.72 -11.42 -29.28
N ASP A 20 -11.24 -12.60 -29.61
CA ASP A 20 -12.68 -12.86 -29.56
C ASP A 20 -13.14 -13.70 -28.37
N SER A 21 -12.19 -14.21 -27.59
CA SER A 21 -12.51 -15.02 -26.42
C SER A 21 -11.74 -14.60 -25.16
N HIS A 22 -12.07 -15.22 -24.03
CA HIS A 22 -11.37 -14.99 -22.77
C HIS A 22 -9.94 -15.54 -22.81
N TYR A 23 -9.80 -16.71 -23.44
CA TYR A 23 -8.50 -17.38 -23.57
C TYR A 23 -7.51 -16.54 -24.37
N GLY A 24 -7.97 -16.04 -25.52
CA GLY A 24 -7.12 -15.25 -26.42
C GLY A 24 -6.70 -13.90 -25.86
N LEU A 25 -7.62 -13.24 -25.18
CA LEU A 25 -7.38 -11.92 -24.60
C LEU A 25 -6.27 -11.94 -23.56
N TYR A 26 -6.15 -13.06 -22.84
CA TYR A 26 -5.12 -13.21 -21.81
C TYR A 26 -3.94 -14.05 -22.26
N TYR A 27 -4.11 -14.76 -23.39
CA TYR A 27 -2.98 -15.43 -24.04
C TYR A 27 -2.01 -14.38 -24.57
N GLY A 28 -2.56 -13.37 -25.25
CA GLY A 28 -1.78 -12.25 -25.76
C GLY A 28 -1.26 -11.36 -24.65
N TYR A 29 -2.06 -11.19 -23.60
CA TYR A 29 -1.68 -10.40 -22.43
C TYR A 29 -0.52 -11.07 -21.68
N GLY A 30 -0.70 -12.35 -21.34
CA GLY A 30 0.35 -13.14 -20.69
C GLY A 30 1.61 -13.25 -21.54
N TYR A 31 1.42 -13.27 -22.86
CA TYR A 31 2.51 -13.36 -23.83
C TYR A 31 3.41 -12.14 -23.81
N ALA A 32 2.80 -10.95 -23.82
CA ALA A 32 3.53 -9.68 -23.85
C ALA A 32 4.30 -9.42 -22.55
N VAL A 33 3.76 -9.93 -21.45
CA VAL A 33 4.39 -9.80 -20.12
C VAL A 33 5.68 -10.62 -20.06
N ALA A 34 5.70 -11.76 -20.74
CA ALA A 34 6.89 -12.60 -20.83
C ALA A 34 8.02 -11.92 -21.59
N GLN A 35 7.65 -11.03 -22.51
CA GLN A 35 8.63 -10.28 -23.30
C GLN A 35 9.27 -9.15 -22.50
N ASP A 36 8.42 -8.42 -21.77
CA ASP A 36 8.85 -7.24 -21.03
C ASP A 36 9.43 -7.57 -19.65
N ARG A 37 8.77 -8.46 -18.92
CA ARG A 37 9.17 -8.79 -17.56
C ARG A 37 9.19 -10.31 -17.33
N LEU A 38 10.19 -10.99 -17.89
CA LEU A 38 10.30 -12.44 -17.74
C LEU A 38 10.85 -12.82 -16.37
N PHE A 39 11.92 -12.13 -15.96
CA PHE A 39 12.61 -12.42 -14.71
C PHE A 39 11.88 -11.88 -13.49
N GLN A 40 11.27 -10.69 -13.64
CA GLN A 40 10.51 -10.07 -12.56
C GLN A 40 9.32 -10.92 -12.16
N MET A 41 8.58 -11.41 -13.16
CA MET A 41 7.39 -12.24 -12.93
C MET A 41 7.74 -13.62 -12.40
N ASP A 42 8.86 -14.17 -12.86
CA ASP A 42 9.38 -15.43 -12.33
C ASP A 42 9.69 -15.27 -10.84
N MET A 43 10.40 -14.19 -10.51
CA MET A 43 10.76 -13.90 -9.13
C MET A 43 9.61 -13.39 -8.27
N ALA A 44 8.59 -12.82 -8.92
CA ALA A 44 7.36 -12.43 -8.23
C ALA A 44 6.61 -13.67 -7.79
N ARG A 45 6.38 -14.59 -8.74
CA ARG A 45 5.69 -15.85 -8.49
C ARG A 45 6.37 -16.68 -7.39
N ARG A 46 7.68 -16.83 -7.50
CA ARG A 46 8.47 -17.61 -6.53
C ARG A 46 8.41 -17.01 -5.12
N SER A 47 8.24 -15.70 -5.05
CA SER A 47 8.15 -14.97 -3.79
C SER A 47 6.81 -15.21 -3.08
N PHE A 48 5.74 -15.37 -3.87
CA PHE A 48 4.39 -15.51 -3.31
C PHE A 48 3.95 -16.97 -3.16
N VAL A 49 4.67 -17.88 -3.81
CA VAL A 49 4.44 -19.31 -3.66
C VAL A 49 5.38 -19.88 -2.58
N GLY A 50 6.59 -19.35 -2.53
CA GLY A 50 7.58 -19.74 -1.53
C GLY A 50 8.64 -20.69 -2.07
N THR A 51 9.19 -20.33 -3.23
CA THR A 51 10.24 -21.11 -3.86
C THR A 51 11.43 -20.23 -4.23
N THR A 52 11.76 -19.28 -3.35
CA THR A 52 12.90 -18.39 -3.56
C THR A 52 14.22 -19.14 -3.34
N ALA A 53 14.29 -19.85 -2.21
CA ALA A 53 15.48 -20.61 -1.82
C ALA A 53 15.89 -21.68 -2.84
N ALA A 54 14.92 -22.13 -3.63
CA ALA A 54 15.13 -23.15 -4.65
C ALA A 54 16.12 -22.75 -5.76
N VAL A 55 16.24 -21.44 -5.98
CA VAL A 55 17.14 -20.94 -7.01
C VAL A 55 18.34 -20.23 -6.40
N LEU A 56 18.10 -19.49 -5.32
CA LEU A 56 19.16 -18.76 -4.63
C LEU A 56 19.09 -18.98 -3.12
N GLY A 57 20.20 -18.70 -2.44
CA GLY A 57 20.28 -18.87 -1.00
C GLY A 57 21.00 -20.14 -0.60
N PRO A 58 20.95 -20.46 0.68
CA PRO A 58 20.22 -19.65 1.66
C PRO A 58 21.10 -18.54 2.23
N GLY A 59 20.47 -17.53 2.84
CA GLY A 59 21.21 -16.43 3.44
C GLY A 59 20.87 -15.11 2.79
N GLU A 60 21.75 -14.13 2.96
CA GLU A 60 22.97 -14.32 3.74
C GLU A 60 22.78 -15.26 4.92
N GLN A 61 22.01 -14.81 5.91
CA GLN A 61 21.76 -15.60 7.10
C GLN A 61 20.43 -16.36 6.99
N ASP A 62 20.40 -17.37 6.13
CA ASP A 62 19.20 -18.16 5.93
C ASP A 62 17.95 -17.29 5.92
N ALA A 63 17.91 -16.34 5.00
CA ALA A 63 16.77 -15.43 4.88
C ALA A 63 15.76 -15.95 3.87
N TYR A 64 16.25 -16.52 2.78
CA TYR A 64 15.39 -17.06 1.73
C TYR A 64 14.58 -18.24 2.24
N VAL A 65 15.26 -19.19 2.88
CA VAL A 65 14.60 -20.37 3.42
C VAL A 65 13.68 -20.01 4.59
N LYS A 66 13.95 -18.86 5.20
CA LYS A 66 13.14 -18.38 6.34
C LYS A 66 11.84 -17.72 5.88
N TYR A 67 11.81 -17.24 4.63
CA TYR A 67 10.62 -16.63 4.06
C TYR A 67 9.76 -17.64 3.29
N ASP A 68 10.43 -18.58 2.60
CA ASP A 68 9.74 -19.64 1.86
C ASP A 68 8.80 -20.43 2.76
N MET A 69 9.24 -20.69 3.99
CA MET A 69 8.40 -21.35 5.00
C MET A 69 7.35 -20.39 5.52
N GLN A 70 7.76 -19.15 5.72
CA GLN A 70 6.92 -18.10 6.31
C GLN A 70 5.74 -17.75 5.42
N VAL A 71 5.97 -17.81 4.10
CA VAL A 71 4.90 -17.59 3.13
C VAL A 71 3.96 -18.81 3.05
N ARG A 72 4.51 -20.00 3.28
CA ARG A 72 3.73 -21.24 3.30
C ARG A 72 2.73 -21.25 4.46
N GLN A 73 3.09 -20.59 5.56
CA GLN A 73 2.21 -20.41 6.71
C GLN A 73 0.99 -19.58 6.37
N ASN A 74 1.20 -18.54 5.55
CA ASN A 74 0.15 -17.57 5.24
C ASN A 74 -0.76 -17.92 4.08
N PHE A 75 -0.56 -19.09 3.46
CA PHE A 75 -1.47 -19.57 2.42
C PHE A 75 -1.66 -21.08 2.46
N THR A 76 -2.91 -21.52 2.49
CA THR A 76 -3.25 -22.93 2.39
C THR A 76 -3.52 -23.30 0.92
N PRO A 77 -2.61 -24.11 0.34
CA PRO A 77 -2.64 -24.45 -1.10
C PRO A 77 -3.89 -25.24 -1.50
N ALA A 78 -4.48 -25.96 -0.55
CA ALA A 78 -5.67 -26.75 -0.78
C ALA A 78 -6.92 -25.90 -0.96
N SER A 79 -6.99 -24.79 -0.22
CA SER A 79 -8.12 -23.86 -0.29
C SER A 79 -8.23 -23.19 -1.65
N ILE A 80 -7.10 -22.73 -2.16
CA ILE A 80 -7.04 -22.04 -3.46
C ILE A 80 -7.22 -23.03 -4.61
N GLN A 81 -6.73 -24.26 -4.40
CA GLN A 81 -6.83 -25.33 -5.41
C GLN A 81 -8.28 -25.63 -5.80
N ARG A 82 -9.13 -25.82 -4.80
CA ARG A 82 -10.55 -26.11 -5.03
C ARG A 82 -11.35 -24.87 -5.44
N GLN A 83 -10.85 -23.69 -5.05
CA GLN A 83 -11.48 -22.43 -5.42
C GLN A 83 -11.40 -22.16 -6.92
N ILE A 84 -10.22 -22.41 -7.50
CA ILE A 84 -9.98 -22.20 -8.93
C ILE A 84 -10.78 -23.20 -9.79
N ALA A 85 -10.81 -24.45 -9.34
CA ALA A 85 -11.46 -25.54 -10.09
C ALA A 85 -12.98 -25.37 -10.20
N ALA A 86 -13.59 -24.73 -9.21
CA ALA A 86 -15.04 -24.51 -9.17
C ALA A 86 -15.53 -23.48 -10.20
N LEU A 87 -14.60 -22.66 -10.69
CA LEU A 87 -14.90 -21.64 -11.70
C LEU A 87 -15.36 -22.25 -13.02
N SER A 88 -16.24 -21.53 -13.70
CA SER A 88 -16.74 -21.92 -15.01
C SER A 88 -15.64 -21.83 -16.07
N LYS A 89 -15.82 -22.55 -17.18
CA LYS A 89 -14.84 -22.58 -18.27
C LYS A 89 -14.38 -21.18 -18.70
N ASP A 90 -15.33 -20.28 -18.91
CA ASP A 90 -15.04 -18.90 -19.29
C ASP A 90 -14.19 -18.18 -18.25
N GLU A 91 -14.52 -18.37 -16.98
CA GLU A 91 -13.80 -17.75 -15.87
C GLU A 91 -12.43 -18.39 -15.63
N ARG A 92 -12.33 -19.68 -15.92
CA ARG A 92 -11.08 -20.44 -15.79
C ARG A 92 -10.06 -20.06 -16.88
N ASP A 93 -10.57 -19.61 -18.03
CA ASP A 93 -9.75 -19.28 -19.19
C ASP A 93 -8.82 -18.08 -18.99
N ILE A 94 -9.21 -17.15 -18.11
CA ILE A 94 -8.39 -15.97 -17.81
C ILE A 94 -7.03 -16.37 -17.23
N PHE A 95 -7.05 -17.36 -16.33
CA PHE A 95 -5.83 -17.82 -15.68
C PHE A 95 -5.06 -18.83 -16.53
N ARG A 96 -5.79 -19.63 -17.30
CA ARG A 96 -5.18 -20.63 -18.20
C ARG A 96 -4.53 -19.97 -19.42
N GLY A 97 -5.26 -19.06 -20.06
CA GLY A 97 -4.76 -18.31 -21.20
C GLY A 97 -3.52 -17.51 -20.84
N TYR A 98 -3.54 -16.89 -19.66
CA TYR A 98 -2.41 -16.12 -19.14
C TYR A 98 -1.19 -17.00 -18.95
N ALA A 99 -1.38 -18.17 -18.33
CA ALA A 99 -0.30 -19.11 -18.06
C ALA A 99 0.25 -19.74 -19.35
N ASP A 100 -0.65 -20.06 -20.27
CA ASP A 100 -0.26 -20.64 -21.57
C ASP A 100 0.40 -19.62 -22.48
N GLY A 101 -0.05 -18.36 -22.40
CA GLY A 101 0.53 -17.27 -23.17
C GLY A 101 1.91 -16.88 -22.71
N TYR A 102 2.09 -16.83 -21.39
CA TYR A 102 3.38 -16.55 -20.76
C TYR A 102 4.41 -17.59 -21.13
N ASN A 103 3.97 -18.85 -21.25
CA ASN A 103 4.82 -19.96 -21.62
C ASN A 103 5.10 -20.06 -23.11
N ALA A 104 4.22 -19.45 -23.91
CA ALA A 104 4.37 -19.44 -25.37
C ALA A 104 5.66 -18.75 -25.80
N TYR A 105 5.91 -17.57 -25.23
CA TYR A 105 7.16 -16.84 -25.46
C TYR A 105 8.31 -17.46 -24.68
N LEU A 106 7.99 -18.06 -23.54
CA LEU A 106 8.99 -18.68 -22.67
C LEU A 106 9.63 -19.92 -23.31
N GLU A 107 8.92 -20.52 -24.26
CA GLU A 107 9.47 -21.65 -25.01
C GLU A 107 10.20 -21.21 -26.29
N GLN A 108 10.17 -19.90 -26.56
CA GLN A 108 10.98 -19.31 -27.62
C GLN A 108 12.40 -19.09 -27.10
N VAL A 109 12.52 -18.68 -25.84
CA VAL A 109 13.83 -18.44 -25.21
C VAL A 109 14.57 -19.75 -24.92
N ARG A 110 13.81 -20.84 -24.82
CA ARG A 110 14.39 -22.19 -24.73
C ARG A 110 14.95 -22.64 -26.07
N ARG A 111 14.35 -22.15 -27.15
CA ARG A 111 14.80 -22.44 -28.52
C ARG A 111 15.80 -21.41 -29.03
N ARG A 112 15.57 -20.14 -28.68
CA ARG A 112 16.46 -19.04 -29.06
C ARG A 112 17.12 -18.47 -27.80
N PRO A 113 18.35 -18.94 -27.48
CA PRO A 113 19.07 -18.50 -26.28
C PRO A 113 19.45 -17.01 -26.29
N GLU A 114 19.34 -16.37 -27.45
CA GLU A 114 19.63 -14.95 -27.60
C GLU A 114 18.60 -14.05 -26.92
N LEU A 115 17.40 -14.58 -26.70
CA LEU A 115 16.31 -13.83 -26.09
C LEU A 115 16.24 -13.98 -24.56
N LEU A 116 17.23 -14.68 -24.00
CA LEU A 116 17.30 -14.89 -22.56
C LEU A 116 17.77 -13.61 -21.85
N PRO A 117 17.01 -13.16 -20.83
CA PRO A 117 17.38 -12.00 -20.02
C PRO A 117 18.71 -12.21 -19.31
N LYS A 118 19.49 -11.14 -19.15
CA LYS A 118 20.82 -11.19 -18.55
C LYS A 118 20.80 -11.71 -17.11
N GLU A 119 19.68 -11.49 -16.42
CA GLU A 119 19.53 -11.88 -15.02
C GLU A 119 19.67 -13.39 -14.77
N TYR A 120 19.16 -14.20 -15.68
CA TYR A 120 19.19 -15.67 -15.54
C TYR A 120 20.61 -16.25 -15.59
N VAL A 121 21.46 -15.66 -16.42
CA VAL A 121 22.86 -16.10 -16.54
C VAL A 121 23.69 -15.65 -15.34
N ASP A 122 23.47 -14.41 -14.90
CA ASP A 122 24.17 -13.84 -13.75
C ASP A 122 23.80 -14.55 -12.45
N PHE A 123 22.55 -14.99 -12.35
CA PHE A 123 22.08 -15.76 -11.20
C PHE A 123 22.26 -17.28 -11.39
N ASP A 124 22.58 -17.66 -12.63
CA ASP A 124 22.91 -19.06 -12.99
C ASP A 124 21.76 -20.06 -12.75
N PHE A 125 20.57 -19.74 -13.28
CA PHE A 125 19.44 -20.68 -13.26
C PHE A 125 18.51 -20.54 -14.47
N GLN A 126 17.61 -21.51 -14.61
CA GLN A 126 16.73 -21.63 -15.78
C GLN A 126 15.35 -21.01 -15.54
N PRO A 127 14.74 -20.43 -16.60
CA PRO A 127 13.34 -19.97 -16.49
C PRO A 127 12.37 -21.15 -16.40
N GLU A 128 11.36 -21.02 -15.56
CA GLU A 128 10.37 -22.07 -15.34
C GLU A 128 8.98 -21.64 -15.82
N PRO A 129 8.22 -22.57 -16.44
CA PRO A 129 6.86 -22.30 -16.92
C PRO A 129 5.90 -21.90 -15.80
N LEU A 130 4.84 -21.19 -16.17
CA LEU A 130 3.87 -20.67 -15.21
C LEU A 130 2.57 -21.47 -15.23
N THR A 131 1.98 -21.65 -14.06
CA THR A 131 0.69 -22.33 -13.93
C THR A 131 -0.40 -21.34 -13.50
N ASP A 132 -1.66 -21.71 -13.75
CA ASP A 132 -2.82 -20.89 -13.36
C ASP A 132 -2.90 -20.69 -11.84
N PHE A 133 -2.33 -21.63 -11.09
CA PHE A 133 -2.21 -21.52 -9.64
C PHE A 133 -1.21 -20.41 -9.29
N ASP A 134 -0.12 -20.36 -10.03
CA ASP A 134 0.93 -19.35 -9.84
C ASP A 134 0.44 -17.94 -10.16
N VAL A 135 -0.44 -17.83 -11.15
CA VAL A 135 -1.03 -16.55 -11.55
C VAL A 135 -1.90 -15.97 -10.43
N VAL A 136 -2.75 -16.81 -9.85
CA VAL A 136 -3.61 -16.44 -8.73
C VAL A 136 -2.77 -16.08 -7.50
N MET A 137 -1.71 -16.85 -7.27
CA MET A 137 -0.80 -16.64 -6.13
C MET A 137 -0.11 -15.28 -6.13
N ILE A 138 0.14 -14.74 -7.32
CA ILE A 138 0.80 -13.45 -7.45
C ILE A 138 -0.08 -12.33 -6.92
N TRP A 139 -1.39 -12.51 -7.02
CA TRP A 139 -2.34 -11.51 -6.56
C TRP A 139 -2.57 -11.63 -5.05
N VAL A 140 -3.11 -12.76 -4.62
CA VAL A 140 -3.38 -12.99 -3.22
C VAL A 140 -2.10 -12.89 -2.38
N GLY A 141 -0.96 -12.90 -3.06
CA GLY A 141 0.33 -12.81 -2.39
C GLY A 141 0.81 -11.39 -2.23
N SER A 142 0.44 -10.54 -3.19
CA SER A 142 0.84 -9.13 -3.16
C SER A 142 -0.37 -8.22 -3.28
N MET A 143 -1.57 -8.79 -3.12
CA MET A 143 -2.80 -8.03 -3.21
C MET A 143 -3.54 -8.02 -1.87
N ALA A 144 -4.00 -9.19 -1.45
CA ALA A 144 -4.72 -9.32 -0.18
C ALA A 144 -3.83 -9.94 0.89
N ASN A 145 -2.57 -10.20 0.54
CA ASN A 145 -1.63 -10.79 1.47
C ASN A 145 -0.58 -9.79 1.95
N ARG A 146 -0.66 -8.57 1.43
CA ARG A 146 0.28 -7.52 1.80
C ARG A 146 -0.47 -6.29 2.33
N PHE A 147 -1.58 -5.96 1.69
CA PHE A 147 -2.40 -4.82 2.10
C PHE A 147 -3.66 -5.18 2.89
N SER A 148 -3.96 -6.47 3.04
CA SER A 148 -5.17 -6.91 3.72
C SER A 148 -4.92 -7.89 4.87
N ASP A 149 -3.72 -8.47 4.92
CA ASP A 149 -3.35 -9.40 5.98
C ASP A 149 -2.64 -8.68 7.14
N THR A 150 -2.46 -7.37 6.99
CA THR A 150 -1.77 -6.54 7.98
C THR A 150 -2.42 -6.61 9.36
N ASN A 151 -1.63 -7.00 10.35
CA ASN A 151 -2.10 -7.19 11.72
C ASN A 151 -1.03 -6.83 12.75
N LEU A 152 -1.42 -6.00 13.71
CA LEU A 152 -0.52 -5.57 14.78
C LEU A 152 -1.11 -5.85 16.16
N GLU A 153 -1.92 -6.91 16.25
CA GLU A 153 -2.61 -7.28 17.49
C GLU A 153 -1.69 -7.83 18.57
N VAL A 154 -0.82 -8.76 18.20
CA VAL A 154 0.08 -9.42 19.15
C VAL A 154 1.05 -8.44 19.80
N THR A 155 1.64 -7.57 18.98
CA THR A 155 2.59 -6.56 19.46
C THR A 155 1.91 -5.45 20.28
N ALA A 156 0.62 -5.22 20.03
CA ALA A 156 -0.17 -4.28 20.79
C ALA A 156 -0.47 -4.82 22.18
N LEU A 157 -0.70 -6.12 22.27
CA LEU A 157 -0.94 -6.81 23.54
C LEU A 157 0.35 -6.90 24.37
N ALA A 158 1.46 -7.16 23.68
CA ALA A 158 2.78 -7.22 24.32
C ALA A 158 3.17 -5.87 24.92
N MET A 159 2.56 -4.80 24.42
CA MET A 159 2.75 -3.46 24.95
C MET A 159 2.05 -3.29 26.29
N ARG A 160 0.80 -3.76 26.36
CA ARG A 160 0.02 -3.75 27.59
C ARG A 160 0.73 -4.54 28.68
N GLN A 161 1.22 -5.74 28.33
CA GLN A 161 1.92 -6.62 29.26
C GLN A 161 3.18 -6.00 29.87
N SER A 162 3.96 -5.31 29.05
CA SER A 162 5.17 -4.63 29.51
C SER A 162 4.84 -3.43 30.40
N LEU A 163 3.76 -2.73 30.05
CA LEU A 163 3.28 -1.59 30.82
C LEU A 163 2.62 -2.01 32.14
N GLU A 164 1.96 -3.17 32.13
CA GLU A 164 1.27 -3.68 33.31
C GLU A 164 2.20 -4.22 34.39
N LYS A 165 3.49 -4.30 34.07
CA LYS A 165 4.49 -4.81 35.02
C LYS A 165 5.34 -3.67 35.55
N GLN A 166 5.14 -2.47 35.04
CA GLN A 166 5.89 -1.30 35.47
C GLN A 166 4.95 -0.17 35.91
N HIS A 167 3.67 -0.30 35.57
CA HIS A 167 2.68 0.70 35.92
C HIS A 167 1.33 0.05 36.21
N GLY A 168 1.09 -1.10 35.61
CA GLY A 168 -0.16 -1.82 35.80
C GLY A 168 -0.35 -2.27 37.23
N PRO A 169 -1.51 -2.86 37.51
CA PRO A 169 -2.53 -3.08 36.48
C PRO A 169 -3.60 -1.99 36.51
N GLU A 170 -3.40 -0.98 37.36
CA GLU A 170 -4.34 0.12 37.48
C GLU A 170 -4.02 1.24 36.49
N ARG A 171 -2.76 1.65 36.47
CA ARG A 171 -2.33 2.72 35.56
C ARG A 171 -1.57 2.17 34.35
N GLY A 172 -1.58 0.85 34.19
CA GLY A 172 -0.90 0.19 33.06
C GLY A 172 -1.73 0.20 31.79
N ARG A 173 -3.05 0.16 31.95
CA ARG A 173 -3.96 0.16 30.80
C ARG A 173 -4.43 1.56 30.43
N ALA A 174 -4.31 2.49 31.38
CA ALA A 174 -4.71 3.88 31.17
C ALA A 174 -3.77 4.61 30.22
N LEU A 175 -2.47 4.29 30.31
CA LEU A 175 -1.47 4.82 29.40
C LEU A 175 -1.56 4.10 28.05
N PHE A 176 -2.04 2.86 28.09
CA PHE A 176 -2.22 2.02 26.91
C PHE A 176 -3.31 2.57 25.98
N ASP A 177 -4.34 3.18 26.58
CA ASP A 177 -5.43 3.79 25.82
C ASP A 177 -5.02 5.10 25.14
N GLU A 178 -3.97 5.73 25.65
CA GLU A 178 -3.45 6.97 25.08
C GLU A 178 -2.50 6.68 23.92
N LEU A 179 -1.74 5.60 24.05
CA LEU A 179 -0.80 5.18 23.01
C LEU A 179 -1.53 4.53 21.83
N LEU A 180 -2.45 3.62 22.14
CA LEU A 180 -3.28 2.96 21.14
C LEU A 180 -4.75 3.14 21.50
N TRP A 181 -5.51 3.76 20.60
CA TRP A 181 -6.92 4.06 20.86
C TRP A 181 -7.85 3.22 19.99
N ILE A 182 -8.86 2.61 20.62
CA ILE A 182 -9.87 1.81 19.91
C ILE A 182 -10.54 2.61 18.82
N ASN A 183 -11.14 3.74 19.22
CA ASN A 183 -11.68 4.69 18.27
C ASN A 183 -10.91 5.99 18.29
N ASP A 184 -10.67 6.49 17.09
CA ASP A 184 -10.04 7.75 16.82
C ASP A 184 -10.74 8.90 17.54
N THR A 185 -10.00 10.00 17.74
CA THR A 185 -10.60 11.30 17.99
C THR A 185 -11.66 11.45 16.89
N THR A 186 -12.75 12.17 17.16
CA THR A 186 -13.79 12.35 16.14
C THR A 186 -13.46 13.53 15.23
N ALA A 187 -12.41 14.26 15.61
CA ALA A 187 -11.90 15.43 14.86
C ALA A 187 -11.30 15.13 13.48
N PRO A 188 -10.72 13.92 13.28
CA PRO A 188 -10.08 13.51 12.04
C PRO A 188 -10.93 13.62 10.78
N THR A 189 -10.25 13.52 9.64
CA THR A 189 -10.84 13.76 8.34
C THR A 189 -11.27 12.46 7.68
N THR A 190 -12.40 12.52 6.99
CA THR A 190 -12.93 11.38 6.24
C THR A 190 -13.21 11.80 4.80
N VAL A 191 -12.88 10.93 3.86
CA VAL A 191 -13.21 11.12 2.44
C VAL A 191 -14.73 11.15 2.20
N PRO A 192 -15.49 10.24 2.85
CA PRO A 192 -16.94 10.34 2.74
C PRO A 192 -17.47 11.47 3.60
N ALA A 193 -18.25 12.36 2.97
CA ALA A 193 -18.80 13.53 3.65
C ALA A 193 -19.57 13.15 4.92
N PRO A 194 -19.09 13.62 6.09
CA PRO A 194 -19.74 13.34 7.36
C PRO A 194 -20.87 14.33 7.63
N ALA A 195 -22.08 13.99 7.17
CA ALA A 195 -23.24 14.86 7.37
C ALA A 195 -22.89 16.31 7.07
N ALA A 196 -22.16 16.53 5.99
CA ALA A 196 -21.76 17.88 5.60
C ALA A 196 -21.43 17.94 4.10
N SER B 1 -1.01 5.99 -0.36
CA SER B 1 -1.74 6.01 -1.65
C SER B 1 -2.78 7.13 -1.66
N ASN B 2 -2.62 8.07 -2.59
CA ASN B 2 -3.49 9.24 -2.67
C ASN B 2 -4.31 9.35 -3.94
N LEU B 3 -5.63 9.34 -3.79
CA LEU B 3 -6.55 9.61 -4.90
C LEU B 3 -7.41 10.83 -4.57
N TRP B 4 -7.58 11.70 -5.56
CA TRP B 4 -8.53 12.81 -5.46
C TRP B 4 -9.30 12.98 -6.78
N SER B 5 -10.62 12.83 -6.70
CA SER B 5 -11.48 12.93 -7.87
C SER B 5 -12.52 14.03 -7.70
N THR B 6 -12.65 14.86 -8.74
CA THR B 6 -13.61 15.98 -8.72
C THR B 6 -14.66 15.80 -9.81
N ARG B 7 -15.77 16.51 -9.67
CA ARG B 7 -16.81 16.55 -10.70
C ARG B 7 -16.94 17.95 -11.32
N PRO B 8 -17.66 18.08 -12.46
CA PRO B 8 -17.80 19.32 -13.23
C PRO B 8 -18.22 20.56 -12.45
N GLU B 9 -18.85 20.36 -11.28
CA GLU B 9 -19.23 21.46 -10.38
C GLU B 9 -18.03 22.33 -10.01
N ARG B 10 -16.86 21.69 -9.87
CA ARG B 10 -15.67 22.33 -9.33
C ARG B 10 -14.58 22.63 -10.37
N VAL B 11 -14.66 21.99 -11.53
CA VAL B 11 -13.66 22.18 -12.58
C VAL B 11 -14.19 23.05 -13.72
N GLN B 12 -13.39 24.06 -14.10
CA GLN B 12 -13.76 25.08 -15.07
C GLN B 12 -14.15 24.53 -16.44
N GLU B 13 -13.47 23.46 -16.87
CA GLU B 13 -13.68 22.89 -18.20
C GLU B 13 -14.72 21.77 -18.19
N GLY B 14 -15.62 21.80 -17.20
CA GLY B 14 -16.71 20.84 -17.05
C GLY B 14 -16.38 19.40 -17.42
N SER B 15 -15.62 18.74 -16.55
CA SER B 15 -15.18 17.35 -16.79
C SER B 15 -14.97 16.59 -15.49
N THR B 16 -15.33 15.30 -15.49
CA THR B 16 -15.14 14.45 -14.33
C THR B 16 -13.68 14.01 -14.25
N VAL B 17 -12.91 14.68 -13.40
CA VAL B 17 -11.48 14.39 -13.25
C VAL B 17 -11.27 13.37 -12.13
N LEU B 18 -10.43 12.37 -12.40
CA LEU B 18 -10.14 11.33 -11.44
C LEU B 18 -8.66 10.99 -11.42
N ILE B 19 -7.92 11.61 -10.51
CA ILE B 19 -6.48 11.38 -10.39
C ILE B 19 -6.17 10.45 -9.23
N ASN B 20 -5.56 9.30 -9.53
CA ASN B 20 -5.19 8.33 -8.51
C ASN B 20 -3.69 8.11 -8.42
N GLY B 21 -3.18 8.00 -7.21
CA GLY B 21 -1.76 7.80 -6.99
C GLY B 21 -1.47 6.65 -6.05
N PRO B 22 -1.41 5.45 -6.61
CA PRO B 22 -1.13 4.24 -5.81
C PRO B 22 0.28 4.27 -5.22
N GLN B 23 0.39 3.95 -3.94
CA GLN B 23 1.68 3.96 -3.27
C GLN B 23 2.10 2.54 -2.85
N PHE B 24 3.08 1.99 -3.57
CA PHE B 24 3.57 0.65 -3.28
C PHE B 24 5.05 0.69 -2.94
N GLY B 25 5.69 1.82 -3.22
CA GLY B 25 7.14 1.95 -3.16
C GLY B 25 7.71 1.86 -4.56
N TRP B 26 8.93 2.34 -4.74
CA TRP B 26 9.53 2.44 -6.06
C TRP B 26 10.57 1.34 -6.32
N TYR B 27 10.40 0.62 -7.42
CA TYR B 27 11.22 -0.55 -7.73
C TYR B 27 11.61 -0.61 -9.21
N ASN B 28 12.71 -1.31 -9.49
CA ASN B 28 13.17 -1.57 -10.85
C ASN B 28 13.34 -3.07 -11.08
N PRO B 29 12.70 -3.63 -12.13
CA PRO B 29 11.83 -2.98 -13.13
C PRO B 29 10.51 -2.52 -12.54
N ALA B 30 9.74 -1.78 -13.34
CA ALA B 30 8.47 -1.19 -12.92
C ALA B 30 7.58 -2.14 -12.12
N TYR B 31 7.04 -1.63 -11.02
CA TYR B 31 6.09 -2.36 -10.20
C TYR B 31 4.80 -2.60 -10.98
N THR B 32 4.58 -1.78 -11.99
CA THR B 32 3.32 -1.74 -12.73
C THR B 32 3.52 -2.14 -14.20
N TYR B 33 2.48 -2.69 -14.81
CA TYR B 33 2.46 -3.04 -16.22
C TYR B 33 1.24 -2.42 -16.88
N GLY B 34 1.46 -1.67 -17.97
CA GLY B 34 0.36 -1.00 -18.68
C GLY B 34 -0.14 -1.83 -19.86
N ILE B 35 -1.46 -2.01 -19.92
CA ILE B 35 -2.06 -2.82 -20.99
C ILE B 35 -3.46 -2.35 -21.40
N GLY B 36 -3.86 -2.75 -22.61
CA GLY B 36 -5.22 -2.54 -23.11
C GLY B 36 -5.83 -3.85 -23.56
N LEU B 37 -6.95 -4.21 -22.94
CA LEU B 37 -7.67 -5.45 -23.26
C LEU B 37 -8.95 -5.14 -24.03
N HIS B 38 -8.98 -5.52 -25.32
CA HIS B 38 -10.14 -5.25 -26.16
C HIS B 38 -10.67 -6.52 -26.82
N GLY B 39 -11.91 -6.87 -26.51
CA GLY B 39 -12.55 -8.07 -27.05
C GLY B 39 -13.22 -8.92 -25.98
N ALA B 40 -14.16 -9.75 -26.43
CA ALA B 40 -14.94 -10.64 -25.56
C ALA B 40 -15.68 -9.90 -24.43
N GLY B 41 -16.26 -8.74 -24.78
CA GLY B 41 -16.99 -7.91 -23.82
C GLY B 41 -16.12 -6.89 -23.11
N PHE B 42 -14.82 -7.17 -23.05
CA PHE B 42 -13.86 -6.29 -22.39
C PHE B 42 -13.35 -5.20 -23.33
N ASP B 43 -13.34 -3.97 -22.83
CA ASP B 43 -12.76 -2.84 -23.54
C ASP B 43 -12.15 -1.87 -22.54
N VAL B 44 -10.99 -2.24 -22.03
CA VAL B 44 -10.33 -1.47 -20.98
C VAL B 44 -8.92 -1.02 -21.36
N VAL B 45 -8.48 0.07 -20.74
CA VAL B 45 -7.14 0.60 -20.94
C VAL B 45 -6.62 1.19 -19.63
N GLY B 46 -5.34 0.94 -19.34
CA GLY B 46 -4.72 1.41 -18.10
C GLY B 46 -3.52 0.60 -17.66
N ASN B 47 -3.19 0.68 -16.37
CA ASN B 47 -2.06 -0.06 -15.83
C ASN B 47 -2.42 -0.79 -14.55
N THR B 48 -1.71 -1.90 -14.28
CA THR B 48 -1.96 -2.69 -13.09
C THR B 48 -0.66 -3.25 -12.53
N PRO B 49 -0.59 -3.38 -11.21
CA PRO B 49 0.60 -3.91 -10.54
C PRO B 49 0.73 -5.42 -10.73
N PHE B 50 1.97 -5.90 -10.81
CA PHE B 50 2.23 -7.33 -10.99
C PHE B 50 1.49 -7.88 -12.20
N ALA B 51 1.32 -7.03 -13.22
CA ALA B 51 0.62 -7.43 -14.44
C ALA B 51 -0.53 -8.39 -14.13
N TYR B 52 -1.42 -7.98 -13.23
CA TYR B 52 -2.57 -8.79 -12.85
C TYR B 52 -3.53 -8.94 -14.03
N PRO B 53 -4.28 -10.06 -14.08
CA PRO B 53 -5.41 -10.15 -15.01
C PRO B 53 -6.36 -8.98 -14.84
N ILE B 54 -6.51 -8.50 -13.60
CA ILE B 54 -7.28 -7.31 -13.28
C ILE B 54 -6.46 -6.06 -13.59
N VAL B 55 -7.09 -5.08 -14.21
CA VAL B 55 -6.50 -3.75 -14.38
C VAL B 55 -6.95 -2.83 -13.23
N LEU B 56 -6.06 -2.65 -12.26
CA LEU B 56 -6.37 -1.89 -11.04
C LEU B 56 -6.65 -0.41 -11.28
N PHE B 57 -5.91 0.20 -12.20
CA PHE B 57 -6.03 1.62 -12.48
C PHE B 57 -6.25 1.86 -13.96
N GLY B 58 -7.51 2.09 -14.34
CA GLY B 58 -7.87 2.30 -15.73
C GLY B 58 -9.24 2.90 -15.95
N THR B 59 -9.49 3.28 -17.20
CA THR B 59 -10.78 3.83 -17.62
C THR B 59 -11.26 3.11 -18.88
N ASN B 60 -12.57 3.08 -19.09
CA ASN B 60 -13.16 2.38 -20.23
C ASN B 60 -14.11 3.24 -21.07
N SER B 61 -13.93 4.56 -21.00
CA SER B 61 -14.79 5.52 -21.71
C SER B 61 -16.21 5.57 -21.14
N GLU B 62 -16.46 4.78 -20.11
CA GLU B 62 -17.78 4.72 -19.46
C GLU B 62 -17.65 4.89 -17.95
N ILE B 63 -16.52 4.45 -17.40
CA ILE B 63 -16.20 4.56 -15.98
C ILE B 63 -14.69 4.56 -15.77
N ALA B 64 -14.19 5.53 -15.01
CA ALA B 64 -12.81 5.53 -14.53
C ALA B 64 -12.80 5.08 -13.08
N TRP B 65 -11.90 4.15 -12.75
CA TRP B 65 -11.79 3.63 -11.39
C TRP B 65 -10.37 3.65 -10.84
N GLY B 66 -10.27 3.69 -9.52
CA GLY B 66 -8.98 3.64 -8.82
C GLY B 66 -9.08 2.88 -7.52
N ALA B 67 -7.95 2.71 -6.84
CA ALA B 67 -7.90 1.96 -5.58
C ALA B 67 -6.78 2.40 -4.64
N THR B 68 -7.10 2.47 -3.36
CA THR B 68 -6.10 2.65 -2.30
C THR B 68 -6.30 1.58 -1.22
N ALA B 69 -5.36 1.51 -0.27
CA ALA B 69 -5.37 0.49 0.78
C ALA B 69 -6.67 0.47 1.60
N GLY B 70 -7.09 -0.74 1.96
CA GLY B 70 -8.32 -0.93 2.73
C GLY B 70 -8.10 -0.87 4.22
N PRO B 71 -8.69 0.16 4.88
CA PRO B 71 -8.50 0.39 6.31
C PRO B 71 -9.62 -0.20 7.15
N GLN B 72 -9.72 -1.53 7.16
CA GLN B 72 -10.75 -2.23 7.94
C GLN B 72 -10.22 -3.53 8.53
N ASP B 73 -10.66 -3.84 9.75
CA ASP B 73 -10.17 -5.01 10.47
C ASP B 73 -10.88 -6.30 10.05
N VAL B 74 -10.27 -7.01 9.11
CA VAL B 74 -10.79 -8.30 8.64
C VAL B 74 -10.00 -9.48 9.20
N VAL B 75 -8.93 -9.16 9.95
CA VAL B 75 -8.05 -10.17 10.53
C VAL B 75 -7.99 -10.05 12.05
N ASP B 76 -8.65 -10.96 12.74
CA ASP B 76 -8.56 -11.06 14.20
C ASP B 76 -7.66 -12.23 14.59
N ILE B 77 -6.83 -12.01 15.60
CA ILE B 77 -5.99 -13.08 16.15
C ILE B 77 -6.57 -13.55 17.48
N TYR B 78 -6.55 -14.87 17.68
CA TYR B 78 -7.05 -15.48 18.90
C TYR B 78 -5.93 -16.16 19.68
N GLN B 79 -5.90 -15.94 21.00
CA GLN B 79 -4.92 -16.62 21.84
C GLN B 79 -5.54 -17.80 22.59
N GLU B 80 -4.84 -18.92 22.59
CA GLU B 80 -5.34 -20.16 23.18
C GLU B 80 -4.28 -20.79 24.09
N LYS B 81 -4.75 -21.37 25.19
CA LYS B 81 -3.86 -22.06 26.13
C LYS B 81 -3.50 -23.44 25.61
N LEU B 82 -2.20 -23.73 25.57
CA LEU B 82 -1.71 -25.04 25.14
C LEU B 82 -1.53 -25.95 26.35
N ASN B 83 -1.91 -27.22 26.19
CA ASN B 83 -1.75 -28.22 27.23
C ASN B 83 -0.26 -28.41 27.54
N PRO B 84 0.14 -28.17 28.81
CA PRO B 84 1.54 -28.35 29.23
C PRO B 84 2.06 -29.76 28.95
N SER B 85 1.15 -30.73 28.90
CA SER B 85 1.51 -32.10 28.55
C SER B 85 1.65 -32.26 27.03
N ARG B 86 0.55 -32.07 26.32
CA ARG B 86 0.55 -32.18 24.85
C ARG B 86 0.46 -30.80 24.21
N ALA B 87 1.63 -30.28 23.82
CA ALA B 87 1.77 -28.95 23.22
C ALA B 87 1.08 -28.84 21.86
N ASP B 88 0.71 -29.97 21.29
CA ASP B 88 0.04 -30.00 19.99
C ASP B 88 -1.47 -30.09 20.15
N GLN B 89 -1.96 -29.65 21.31
CA GLN B 89 -3.39 -29.68 21.60
C GLN B 89 -3.83 -28.41 22.31
N TYR B 90 -4.70 -27.64 21.66
CA TYR B 90 -5.20 -26.40 22.24
C TYR B 90 -6.51 -26.63 22.99
N TRP B 91 -7.26 -25.55 23.19
CA TRP B 91 -8.54 -25.63 23.89
C TRP B 91 -9.57 -24.68 23.29
N PHE B 92 -10.62 -25.25 22.72
CA PHE B 92 -11.68 -24.45 22.10
C PHE B 92 -12.95 -24.47 22.94
N ASN B 93 -13.58 -25.64 23.02
CA ASN B 93 -14.80 -25.80 23.78
C ASN B 93 -15.45 -27.16 23.58
N ASN B 94 -15.72 -27.86 24.68
CA ASN B 94 -15.42 -27.34 26.01
C ASN B 94 -14.22 -28.04 26.64
N ALA B 95 -13.48 -28.79 25.83
CA ALA B 95 -12.31 -29.50 26.31
C ALA B 95 -11.15 -29.37 25.34
N TRP B 96 -10.06 -30.09 25.61
CA TRP B 96 -8.88 -30.06 24.76
C TRP B 96 -9.19 -30.50 23.34
N ARG B 97 -8.80 -29.68 22.37
CA ARG B 97 -9.02 -29.98 20.96
C ARG B 97 -7.66 -30.15 20.27
N THR B 98 -7.55 -31.18 19.44
CA THR B 98 -6.29 -31.48 18.75
C THR B 98 -6.05 -30.51 17.57
N MET B 99 -4.83 -29.99 17.50
CA MET B 99 -4.44 -29.08 16.42
C MET B 99 -4.21 -29.80 15.11
N GLU B 100 -4.73 -29.22 14.02
CA GLU B 100 -4.50 -29.74 12.68
C GLU B 100 -3.07 -29.47 12.22
N GLN B 101 -2.58 -30.29 11.29
CA GLN B 101 -1.21 -30.18 10.81
C GLN B 101 -1.07 -30.46 9.32
N ARG B 102 -0.37 -29.57 8.62
CA ARG B 102 0.09 -29.82 7.25
C ARG B 102 1.58 -29.53 7.13
N LYS B 103 2.31 -30.48 6.56
CA LYS B 103 3.76 -30.36 6.40
C LYS B 103 4.15 -29.90 5.01
N GLU B 104 5.18 -29.08 4.94
CA GLU B 104 5.59 -28.43 3.69
C GLU B 104 7.05 -28.72 3.34
N ARG B 105 7.32 -28.81 2.04
CA ARG B 105 8.63 -29.14 1.51
C ARG B 105 9.28 -27.93 0.84
N ILE B 106 10.44 -27.53 1.34
CA ILE B 106 11.14 -26.35 0.82
C ILE B 106 12.45 -26.75 0.14
N GLN B 107 12.48 -26.58 -1.18
CA GLN B 107 13.69 -26.86 -1.96
C GLN B 107 14.70 -25.73 -1.78
N VAL B 108 15.96 -26.11 -1.58
CA VAL B 108 17.06 -25.16 -1.39
C VAL B 108 18.13 -25.46 -2.45
N ARG B 109 18.66 -24.40 -3.07
CA ARG B 109 19.71 -24.57 -4.07
C ARG B 109 21.06 -24.86 -3.41
N GLY B 110 21.69 -25.96 -3.83
CA GLY B 110 22.99 -26.36 -3.32
C GLY B 110 22.92 -27.19 -2.06
N GLN B 111 21.81 -27.08 -1.33
CA GLN B 111 21.62 -27.80 -0.07
C GLN B 111 20.38 -28.70 -0.10
N ALA B 112 20.31 -29.62 0.86
CA ALA B 112 19.18 -30.54 0.99
C ALA B 112 17.90 -29.82 1.41
N ASP B 113 16.76 -30.40 1.06
CA ASP B 113 15.45 -29.82 1.34
C ASP B 113 15.16 -29.76 2.84
N ARG B 114 14.59 -28.65 3.27
CA ARG B 114 14.19 -28.48 4.67
C ARG B 114 12.68 -28.61 4.80
N GLU B 115 12.24 -29.35 5.82
CA GLU B 115 10.83 -29.63 6.03
C GLU B 115 10.30 -28.87 7.24
N MET B 116 9.13 -28.23 7.05
CA MET B 116 8.47 -27.49 8.12
C MET B 116 7.07 -28.05 8.37
N THR B 117 6.48 -27.69 9.52
CA THR B 117 5.10 -28.02 9.82
C THR B 117 4.30 -26.77 10.18
N ILE B 118 3.14 -26.62 9.53
CA ILE B 118 2.27 -25.47 9.74
C ILE B 118 1.08 -25.87 10.57
N TRP B 119 0.89 -25.22 11.71
CA TRP B 119 -0.23 -25.51 12.60
C TRP B 119 -1.42 -24.61 12.31
N ARG B 120 -2.62 -25.17 12.41
CA ARG B 120 -3.84 -24.43 12.16
C ARG B 120 -4.96 -24.85 13.12
N THR B 121 -5.59 -23.86 13.75
CA THR B 121 -6.67 -24.11 14.69
C THR B 121 -8.02 -23.79 14.08
N VAL B 122 -9.08 -23.97 14.88
CA VAL B 122 -10.44 -23.70 14.42
C VAL B 122 -10.54 -22.33 13.77
N HIS B 123 -9.71 -21.39 14.24
CA HIS B 123 -9.70 -20.04 13.70
C HIS B 123 -8.87 -19.95 12.42
N GLY B 124 -7.65 -20.44 12.49
CA GLY B 124 -6.75 -20.42 11.35
C GLY B 124 -5.36 -20.90 11.69
N PRO B 125 -4.40 -20.57 10.84
CA PRO B 125 -3.00 -20.96 11.06
C PRO B 125 -2.36 -20.29 12.28
N VAL B 126 -1.62 -21.07 13.06
CA VAL B 126 -0.89 -20.57 14.23
C VAL B 126 0.35 -19.81 13.78
N MET B 127 0.36 -18.51 14.03
CA MET B 127 1.46 -17.64 13.60
C MET B 127 2.63 -17.63 14.57
N GLN B 128 2.33 -17.69 15.86
CA GLN B 128 3.38 -17.65 16.89
C GLN B 128 3.15 -18.66 18.01
N PHE B 129 4.24 -19.32 18.42
CA PHE B 129 4.23 -20.22 19.57
C PHE B 129 4.96 -19.62 20.76
N ASP B 130 4.30 -19.60 21.90
CA ASP B 130 4.92 -19.24 23.17
C ASP B 130 4.74 -20.42 24.13
N TYR B 131 5.81 -21.18 24.32
CA TYR B 131 5.76 -22.41 25.13
C TYR B 131 5.73 -22.14 26.63
N ASP B 132 6.57 -21.21 27.10
CA ASP B 132 6.70 -20.92 28.53
C ASP B 132 5.49 -20.18 29.12
N GLN B 133 4.81 -19.40 28.28
CA GLN B 133 3.54 -18.77 28.68
C GLN B 133 2.37 -19.72 28.46
N GLY B 134 2.61 -20.78 27.69
CA GLY B 134 1.60 -21.80 27.40
C GLY B 134 0.48 -21.30 26.51
N ALA B 135 0.83 -20.49 25.52
CA ALA B 135 -0.16 -19.90 24.61
C ALA B 135 0.34 -19.83 23.17
N ALA B 136 -0.56 -20.16 22.25
CA ALA B 136 -0.28 -20.06 20.81
C ALA B 136 -1.28 -19.11 20.15
N TYR B 137 -0.79 -18.28 19.24
CA TYR B 137 -1.61 -17.26 18.59
C TYR B 137 -1.93 -17.64 17.15
N SER B 138 -3.23 -17.71 16.84
CA SER B 138 -3.70 -18.11 15.51
C SER B 138 -4.32 -16.95 14.75
N LYS B 139 -4.26 -17.03 13.42
CA LYS B 139 -4.72 -15.94 12.54
C LYS B 139 -6.01 -16.32 11.83
N LYS B 140 -7.07 -15.57 12.08
CA LYS B 140 -8.35 -15.78 11.40
C LYS B 140 -8.66 -14.64 10.43
N ARG B 141 -8.92 -15.00 9.17
CA ARG B 141 -9.26 -14.03 8.13
C ARG B 141 -10.75 -14.11 7.79
N SER B 142 -11.34 -12.96 7.51
CA SER B 142 -12.74 -12.89 7.13
C SER B 142 -12.93 -13.20 5.64
N TRP B 143 -11.87 -13.03 4.86
CA TRP B 143 -11.90 -13.24 3.42
C TRP B 143 -11.38 -14.62 2.99
N ASP B 144 -11.08 -15.47 3.98
CA ASP B 144 -10.59 -16.83 3.73
C ASP B 144 -11.64 -17.67 3.01
N GLY B 145 -11.27 -18.19 1.85
CA GLY B 145 -12.17 -18.98 1.02
C GLY B 145 -12.89 -18.17 -0.05
N TYR B 146 -12.58 -16.87 -0.10
CA TYR B 146 -13.22 -15.96 -1.05
C TYR B 146 -12.17 -15.18 -1.86
N GLU B 147 -11.00 -15.78 -2.04
CA GLU B 147 -9.89 -15.15 -2.75
C GLU B 147 -10.18 -14.98 -4.24
N VAL B 148 -10.52 -16.09 -4.92
CA VAL B 148 -10.79 -16.08 -6.36
C VAL B 148 -12.07 -15.31 -6.71
N GLN B 149 -13.01 -15.28 -5.77
CA GLN B 149 -14.24 -14.51 -5.91
C GLN B 149 -13.91 -13.02 -5.90
N SER B 150 -12.92 -12.64 -5.10
CA SER B 150 -12.45 -11.26 -5.00
C SER B 150 -11.69 -10.82 -6.26
N LEU B 151 -10.92 -11.73 -6.85
CA LEU B 151 -10.23 -11.47 -8.11
C LEU B 151 -11.21 -11.12 -9.22
N LEU B 152 -12.17 -12.01 -9.44
CA LEU B 152 -13.15 -11.87 -10.52
C LEU B 152 -14.05 -10.65 -10.33
N ALA B 153 -14.48 -10.41 -9.09
CA ALA B 153 -15.30 -9.25 -8.76
C ALA B 153 -14.56 -7.94 -9.04
N TRP B 154 -13.27 -7.92 -8.71
CA TRP B 154 -12.40 -6.79 -9.02
C TRP B 154 -12.19 -6.68 -10.52
N LEU B 155 -12.03 -7.83 -11.17
CA LEU B 155 -11.78 -7.91 -12.61
C LEU B 155 -13.00 -7.45 -13.43
N ASN B 156 -14.19 -7.68 -12.90
CA ASN B 156 -15.43 -7.38 -13.60
C ASN B 156 -15.93 -5.94 -13.46
N VAL B 157 -15.14 -5.08 -12.82
CA VAL B 157 -15.43 -3.64 -12.78
C VAL B 157 -15.16 -3.02 -14.15
N ALA B 158 -14.43 -3.78 -14.97
CA ALA B 158 -14.16 -3.43 -16.37
C ALA B 158 -15.45 -3.49 -17.19
N LYS B 159 -16.31 -4.45 -16.86
CA LYS B 159 -17.60 -4.62 -17.53
C LYS B 159 -18.63 -3.58 -17.10
N ALA B 160 -18.47 -3.06 -15.89
CA ALA B 160 -19.42 -2.09 -15.31
C ALA B 160 -19.56 -0.83 -16.16
N ARG B 161 -20.80 -0.37 -16.32
CA ARG B 161 -21.12 0.77 -17.17
C ARG B 161 -21.67 1.94 -16.35
N ASN B 162 -22.26 1.63 -15.19
CA ASN B 162 -22.83 2.64 -14.31
C ASN B 162 -22.44 2.45 -12.84
N TRP B 163 -23.00 3.29 -11.97
CA TRP B 163 -22.73 3.23 -10.53
C TRP B 163 -23.37 2.01 -9.85
N THR B 164 -24.62 1.71 -10.21
CA THR B 164 -25.37 0.63 -9.57
C THR B 164 -24.82 -0.78 -9.87
N GLU B 165 -24.16 -0.93 -11.02
CA GLU B 165 -23.49 -2.18 -11.37
C GLU B 165 -22.16 -2.33 -10.63
N PHE B 166 -21.59 -1.19 -10.25
CA PHE B 166 -20.29 -1.15 -9.58
C PHE B 166 -20.36 -1.75 -8.17
N LEU B 167 -21.45 -1.46 -7.44
CA LEU B 167 -21.67 -2.04 -6.12
C LEU B 167 -22.11 -3.50 -6.20
N ASP B 168 -22.78 -3.85 -7.31
CA ASP B 168 -23.18 -5.22 -7.59
C ASP B 168 -21.95 -6.13 -7.71
N GLN B 169 -20.81 -5.51 -8.04
CA GLN B 169 -19.54 -6.20 -8.16
C GLN B 169 -18.67 -5.98 -6.92
N ALA B 170 -18.85 -4.83 -6.26
CA ALA B 170 -18.13 -4.50 -5.04
C ALA B 170 -18.59 -5.35 -3.84
N SER B 171 -19.85 -5.76 -3.87
CA SER B 171 -20.44 -6.56 -2.80
C SER B 171 -19.78 -7.93 -2.65
N LYS B 172 -19.32 -8.48 -3.77
CA LYS B 172 -18.70 -9.80 -3.81
C LYS B 172 -17.29 -9.80 -3.20
N MET B 173 -16.71 -8.61 -3.05
CA MET B 173 -15.37 -8.44 -2.48
C MET B 173 -15.35 -8.79 -0.99
N ALA B 174 -14.33 -9.56 -0.58
CA ALA B 174 -14.20 -9.99 0.79
C ALA B 174 -13.02 -9.34 1.50
N ILE B 175 -12.00 -8.96 0.73
CA ILE B 175 -10.84 -8.24 1.27
C ILE B 175 -11.15 -6.76 1.45
N SER B 176 -10.42 -6.12 2.36
CA SER B 176 -10.57 -4.68 2.60
C SER B 176 -9.77 -3.90 1.55
N ILE B 177 -10.49 -3.08 0.78
CA ILE B 177 -9.88 -2.28 -0.28
C ILE B 177 -10.77 -1.07 -0.61
N ASN B 178 -10.14 0.09 -0.82
CA ASN B 178 -10.86 1.30 -1.19
C ASN B 178 -11.04 1.42 -2.70
N TRP B 179 -12.30 1.46 -3.14
CA TRP B 179 -12.65 1.60 -4.55
C TRP B 179 -13.20 2.98 -4.82
N TYR B 180 -12.84 3.54 -5.98
CA TYR B 180 -13.28 4.88 -6.35
C TYR B 180 -13.94 4.88 -7.72
N TYR B 181 -14.99 5.66 -7.84
CA TYR B 181 -15.83 5.67 -9.04
C TYR B 181 -15.81 7.04 -9.73
N ALA B 182 -15.79 7.00 -11.06
CA ALA B 182 -15.98 8.18 -11.90
C ALA B 182 -16.58 7.75 -13.23
N ASP B 183 -17.54 8.51 -13.74
CA ASP B 183 -18.10 8.27 -15.07
C ASP B 183 -18.15 9.54 -15.93
N LYS B 184 -18.64 9.40 -17.16
CA LYS B 184 -18.65 10.49 -18.13
C LYS B 184 -19.69 11.58 -17.87
N HIS B 185 -20.71 11.26 -17.07
CA HIS B 185 -21.84 12.16 -16.84
C HIS B 185 -21.57 13.24 -15.79
N GLY B 186 -20.49 13.05 -15.02
CA GLY B 186 -20.15 13.97 -13.95
C GLY B 186 -20.41 13.39 -12.58
N ASN B 187 -20.52 12.06 -12.52
CA ASN B 187 -20.79 11.35 -11.28
C ASN B 187 -19.53 10.75 -10.67
N ILE B 188 -19.37 10.94 -9.37
CA ILE B 188 -18.25 10.37 -8.62
C ILE B 188 -18.73 9.59 -7.40
N GLY B 189 -18.11 8.45 -7.15
CA GLY B 189 -18.46 7.60 -6.02
C GLY B 189 -17.25 7.02 -5.30
N TYR B 190 -17.49 6.45 -4.12
CA TYR B 190 -16.45 5.81 -3.33
C TYR B 190 -17.02 4.65 -2.53
N VAL B 191 -16.39 3.49 -2.67
CA VAL B 191 -16.78 2.29 -1.92
C VAL B 191 -15.57 1.73 -1.18
N SER B 192 -15.81 1.23 0.03
CA SER B 192 -14.77 0.53 0.78
C SER B 192 -15.25 -0.88 1.15
N PRO B 193 -15.40 -1.77 0.13
CA PRO B 193 -15.98 -3.08 0.38
C PRO B 193 -15.07 -4.02 1.16
N ALA B 194 -15.68 -4.81 2.04
CA ALA B 194 -14.99 -5.79 2.85
C ALA B 194 -16.00 -6.71 3.53
N PHE B 195 -15.59 -7.93 3.84
CA PHE B 195 -16.40 -8.83 4.65
C PHE B 195 -16.17 -8.49 6.12
N LEU B 196 -17.00 -7.58 6.63
CA LEU B 196 -16.87 -7.09 8.00
C LEU B 196 -17.54 -8.03 8.99
N PRO B 197 -16.80 -8.50 10.01
CA PRO B 197 -17.35 -9.43 10.99
C PRO B 197 -18.11 -8.74 12.13
N GLN B 198 -19.28 -9.27 12.45
CA GLN B 198 -20.01 -8.86 13.65
C GLN B 198 -19.34 -9.47 14.87
N ARG B 199 -18.54 -8.66 15.55
CA ARG B 199 -17.74 -9.12 16.70
C ARG B 199 -18.37 -8.75 18.05
N PRO B 200 -18.11 -9.57 19.08
CA PRO B 200 -18.65 -9.32 20.43
C PRO B 200 -18.14 -8.01 21.04
N ALA B 201 -18.97 -7.41 21.89
CA ALA B 201 -18.66 -6.12 22.51
C ALA B 201 -17.56 -6.22 23.58
N ASP B 202 -17.26 -7.44 24.01
CA ASP B 202 -16.19 -7.70 24.98
C ASP B 202 -14.81 -7.54 24.36
N GLN B 203 -14.75 -7.62 23.03
CA GLN B 203 -13.49 -7.63 22.30
C GLN B 203 -12.85 -6.24 22.23
N ASP B 204 -11.60 -6.17 22.69
CA ASP B 204 -10.79 -4.97 22.59
C ASP B 204 -10.03 -5.05 21.28
N ILE B 205 -10.40 -4.18 20.33
CA ILE B 205 -9.93 -4.27 18.94
C ILE B 205 -8.39 -4.23 18.76
N ARG B 206 -7.70 -3.59 19.70
CA ARG B 206 -6.24 -3.52 19.69
C ARG B 206 -5.59 -4.88 19.91
N VAL B 207 -6.17 -5.65 20.83
CA VAL B 207 -5.57 -6.92 21.28
C VAL B 207 -6.30 -8.16 20.77
N PRO B 208 -5.63 -9.32 20.78
CA PRO B 208 -6.26 -10.61 20.43
C PRO B 208 -7.47 -10.96 21.28
N ALA B 209 -8.42 -11.67 20.68
CA ALA B 209 -9.58 -12.19 21.39
C ALA B 209 -9.25 -13.54 22.02
N LYS B 210 -10.16 -14.08 22.82
CA LYS B 210 -9.91 -15.31 23.55
C LYS B 210 -10.29 -16.55 22.73
N GLY B 211 -9.38 -17.53 22.69
CA GLY B 211 -9.57 -18.74 21.88
C GLY B 211 -10.23 -19.89 22.60
N ASP B 212 -10.77 -19.62 23.80
CA ASP B 212 -11.51 -20.63 24.57
C ASP B 212 -12.98 -20.70 24.14
N GLY B 213 -13.28 -20.12 22.97
CA GLY B 213 -14.63 -20.16 22.41
C GLY B 213 -15.62 -19.20 23.03
N SER B 214 -15.17 -18.44 24.03
CA SER B 214 -16.03 -17.47 24.71
C SER B 214 -16.19 -16.20 23.88
N MET B 215 -15.16 -15.85 23.11
CA MET B 215 -15.15 -14.64 22.30
C MET B 215 -15.06 -15.01 20.82
N GLU B 216 -16.21 -15.04 20.15
CA GLU B 216 -16.29 -15.45 18.74
C GLU B 216 -17.20 -14.50 17.94
N TRP B 217 -16.95 -14.41 16.64
CA TRP B 217 -17.75 -13.56 15.76
C TRP B 217 -19.17 -14.08 15.62
N LEU B 218 -20.10 -13.17 15.36
CA LEU B 218 -21.52 -13.49 15.23
C LEU B 218 -21.94 -13.61 13.77
N GLY B 219 -20.97 -13.44 12.87
CA GLY B 219 -21.22 -13.53 11.43
C GLY B 219 -20.62 -12.37 10.67
N ILE B 220 -21.25 -12.02 9.55
CA ILE B 220 -20.79 -10.93 8.69
C ILE B 220 -21.84 -9.82 8.62
N LYS B 221 -21.38 -8.58 8.75
CA LYS B 221 -22.21 -7.38 8.66
C LYS B 221 -22.94 -7.29 7.32
N SER B 222 -24.14 -6.72 7.33
CA SER B 222 -24.88 -6.41 6.11
C SER B 222 -24.14 -5.33 5.31
N PHE B 223 -24.36 -5.30 4.00
CA PHE B 223 -23.61 -4.43 3.09
C PHE B 223 -23.75 -2.92 3.40
N ASP B 224 -24.74 -2.56 4.20
CA ASP B 224 -24.94 -1.17 4.62
C ASP B 224 -23.88 -0.67 5.60
N ALA B 225 -23.16 -1.60 6.21
CA ALA B 225 -22.06 -1.26 7.13
C ALA B 225 -20.81 -0.79 6.37
N ILE B 226 -20.73 -1.15 5.09
CA ILE B 226 -19.64 -0.72 4.22
C ILE B 226 -19.79 0.77 3.87
N PRO B 227 -18.71 1.56 4.07
CA PRO B 227 -18.70 2.99 3.79
C PRO B 227 -19.00 3.29 2.31
N LYS B 228 -20.04 4.06 2.06
CA LYS B 228 -20.42 4.42 0.70
C LYS B 228 -20.67 5.91 0.55
N ALA B 229 -19.85 6.56 -0.26
CA ALA B 229 -19.97 8.00 -0.48
C ALA B 229 -20.16 8.32 -1.96
N TYR B 230 -21.41 8.49 -2.36
CA TYR B 230 -21.74 8.79 -3.76
C TYR B 230 -22.19 10.24 -3.91
N ASN B 231 -21.67 10.91 -4.93
CA ASN B 231 -22.03 12.30 -5.20
C ASN B 231 -22.19 13.10 -3.90
N PRO B 232 -21.16 13.86 -3.56
CA PRO B 232 -21.18 14.69 -2.34
C PRO B 232 -21.52 16.14 -2.64
N PRO B 233 -21.97 16.87 -1.63
CA PRO B 233 -22.34 18.27 -1.80
C PRO B 233 -21.12 19.16 -2.04
N GLN B 234 -19.96 18.71 -1.56
CA GLN B 234 -18.72 19.47 -1.72
C GLN B 234 -18.32 19.54 -3.20
N GLY B 235 -18.50 18.44 -3.91
CA GLY B 235 -18.17 18.38 -5.32
C GLY B 235 -16.84 17.71 -5.58
N TYR B 236 -16.38 16.96 -4.59
CA TYR B 236 -15.10 16.25 -4.70
C TYR B 236 -14.96 15.12 -3.67
N LEU B 237 -14.13 14.14 -4.01
CA LEU B 237 -13.76 13.07 -3.09
C LEU B 237 -12.25 12.90 -3.10
N VAL B 238 -11.65 12.83 -1.91
CA VAL B 238 -10.20 12.77 -1.77
C VAL B 238 -9.76 11.89 -0.59
N ASN B 239 -8.93 10.90 -0.90
CA ASN B 239 -8.44 9.94 0.09
C ASN B 239 -6.92 9.85 0.08
N TRP B 240 -6.33 9.80 1.27
CA TRP B 240 -4.88 9.71 1.40
C TRP B 240 -4.48 8.79 2.54
N ASN B 241 -5.14 7.64 2.63
CA ASN B 241 -4.86 6.68 3.69
C ASN B 241 -5.43 7.12 5.04
N ASN B 242 -6.68 7.54 5.03
CA ASN B 242 -7.35 7.99 6.26
C ASN B 242 -8.57 7.16 6.59
N LYS B 243 -9.39 7.65 7.52
CA LYS B 243 -10.60 6.95 7.93
C LYS B 243 -11.51 6.68 6.73
N PRO B 244 -12.23 5.57 6.78
CA PRO B 244 -13.16 5.19 5.70
C PRO B 244 -14.48 5.94 5.79
N ALA B 245 -14.97 6.14 7.02
CA ALA B 245 -16.22 6.85 7.23
C ALA B 245 -16.34 7.35 8.66
N PRO B 246 -16.91 8.55 8.82
CA PRO B 246 -17.08 9.15 10.14
C PRO B 246 -17.41 8.10 11.21
N ASP B 247 -18.52 7.40 11.02
CA ASP B 247 -18.94 6.37 11.96
C ASP B 247 -18.13 5.08 11.78
N LYS B 248 -16.82 5.19 12.01
CA LYS B 248 -15.94 4.03 11.88
C LYS B 248 -14.92 3.99 13.02
N THR B 249 -14.34 2.82 13.24
CA THR B 249 -13.35 2.64 14.29
C THR B 249 -11.95 2.48 13.72
N ASN B 250 -10.95 2.43 14.59
CA ASN B 250 -9.57 2.29 14.17
C ASN B 250 -9.13 0.83 14.09
N THR B 251 -8.55 0.45 12.96
CA THR B 251 -8.10 -0.92 12.75
C THR B 251 -6.99 -1.21 13.78
N ASP B 252 -6.78 -2.48 14.09
CA ASP B 252 -5.71 -2.89 15.02
C ASP B 252 -4.34 -2.46 14.52
N THR B 253 -4.25 -2.19 13.21
CA THR B 253 -3.00 -1.75 12.59
C THR B 253 -3.03 -0.28 12.15
N TYR B 254 -4.23 0.23 11.84
CA TYR B 254 -4.37 1.61 11.39
C TYR B 254 -5.01 2.52 12.44
N TYR B 255 -4.22 3.48 12.92
CA TYR B 255 -4.70 4.48 13.88
C TYR B 255 -4.54 5.87 13.31
N TRP B 256 -5.64 6.62 13.28
CA TRP B 256 -5.62 7.99 12.77
C TRP B 256 -5.85 9.00 13.88
N THR B 257 -5.61 10.27 13.57
CA THR B 257 -5.97 11.39 14.44
C THR B 257 -6.30 12.60 13.56
N TYR B 258 -6.63 13.74 14.18
CA TYR B 258 -6.97 14.95 13.42
C TYR B 258 -5.81 15.44 12.54
N GLY B 259 -4.60 15.05 12.92
CA GLY B 259 -3.42 15.24 12.09
C GLY B 259 -3.36 14.15 11.04
N ASP B 260 -3.81 14.47 9.83
CA ASP B 260 -3.85 13.51 8.73
C ASP B 260 -3.30 14.13 7.44
N ARG B 261 -2.55 13.33 6.69
CA ARG B 261 -1.91 13.78 5.46
C ARG B 261 -2.88 14.20 4.35
N MET B 262 -4.12 13.72 4.41
CA MET B 262 -5.13 14.04 3.41
C MET B 262 -5.54 15.52 3.44
N ASN B 263 -5.19 16.21 4.52
CA ASN B 263 -5.39 17.65 4.65
C ASN B 263 -4.51 18.45 3.68
N GLU B 264 -3.40 17.84 3.25
CA GLU B 264 -2.51 18.46 2.27
C GLU B 264 -3.08 18.47 0.85
N LEU B 265 -4.13 17.67 0.63
CA LEU B 265 -4.81 17.61 -0.66
C LEU B 265 -6.18 18.29 -0.63
N VAL B 266 -6.88 18.16 0.51
CA VAL B 266 -8.19 18.77 0.71
C VAL B 266 -8.11 20.30 0.75
N SER B 267 -7.10 20.82 1.43
CA SER B 267 -6.93 22.26 1.64
C SER B 267 -6.90 23.06 0.34
N GLN B 268 -6.41 22.43 -0.73
CA GLN B 268 -6.27 23.08 -2.03
C GLN B 268 -7.61 23.29 -2.75
N TYR B 269 -8.61 22.50 -2.39
CA TYR B 269 -9.98 22.68 -2.91
C TYR B 269 -10.63 23.93 -2.31
N GLN B 270 -10.23 24.26 -1.08
CA GLN B 270 -10.75 25.42 -0.37
C GLN B 270 -10.03 26.71 -0.75
N GLN B 271 -8.98 26.58 -1.57
CA GLN B 271 -8.19 27.71 -2.04
C GLN B 271 -8.90 28.55 -3.09
N LYS B 272 -9.50 27.90 -4.08
CA LYS B 272 -10.22 28.60 -5.15
C LYS B 272 -11.61 27.98 -5.33
N ASP B 273 -12.53 28.75 -5.92
CA ASP B 273 -13.88 28.28 -6.19
C ASP B 273 -13.91 27.30 -7.36
N LEU B 274 -13.23 27.64 -8.44
CA LEU B 274 -13.15 26.79 -9.63
C LEU B 274 -11.74 26.77 -10.22
N PHE B 275 -11.25 25.56 -10.47
CA PHE B 275 -9.89 25.35 -11.00
C PHE B 275 -9.96 24.62 -12.33
N SER B 276 -8.90 24.72 -13.13
CA SER B 276 -8.79 23.99 -14.38
C SER B 276 -8.17 22.60 -14.16
N VAL B 277 -8.25 21.73 -15.16
CA VAL B 277 -7.69 20.37 -15.08
C VAL B 277 -6.19 20.35 -14.83
N GLN B 278 -5.50 21.37 -15.35
CA GLN B 278 -4.07 21.56 -15.13
C GLN B 278 -3.78 21.86 -13.65
N GLU B 279 -4.63 22.67 -13.03
CA GLU B 279 -4.50 23.04 -11.63
C GLU B 279 -4.72 21.85 -10.69
N ILE B 280 -5.70 21.02 -11.00
CA ILE B 280 -6.00 19.81 -10.22
C ILE B 280 -4.88 18.78 -10.39
N TRP B 281 -4.28 18.75 -11.58
CA TRP B 281 -3.10 17.93 -11.86
C TRP B 281 -1.87 18.52 -11.16
N GLU B 282 -1.95 19.80 -10.82
CA GLU B 282 -0.88 20.51 -10.13
C GLU B 282 -1.07 20.52 -8.62
N PHE B 283 -2.13 19.86 -8.15
CA PHE B 283 -2.38 19.64 -6.72
C PHE B 283 -1.33 18.68 -6.13
N ASN B 284 -0.72 17.89 -7.01
CA ASN B 284 0.23 16.85 -6.62
C ASN B 284 1.60 17.41 -6.21
N GLN B 285 2.10 18.38 -6.99
CA GLN B 285 3.37 19.04 -6.72
C GLN B 285 3.41 19.72 -5.36
N LYS B 286 2.29 20.33 -4.98
CA LYS B 286 2.14 20.96 -3.68
C LYS B 286 1.96 19.95 -2.54
N ALA B 287 1.87 18.67 -2.91
CA ALA B 287 1.70 17.59 -1.93
C ALA B 287 2.93 16.67 -1.86
N SER B 288 3.70 16.66 -2.95
CA SER B 288 4.90 15.80 -3.05
C SER B 288 6.06 16.28 -2.20
N TYR B 289 6.08 17.57 -1.88
CA TYR B 289 7.18 18.17 -1.12
C TYR B 289 6.75 18.71 0.24
N SER B 290 5.48 19.09 0.35
CA SER B 290 4.93 19.65 1.59
C SER B 290 5.05 18.69 2.76
N ASP B 291 5.59 19.21 3.87
CA ASP B 291 5.71 18.45 5.10
C ASP B 291 4.32 18.17 5.68
N VAL B 292 4.12 16.94 6.12
CA VAL B 292 2.80 16.46 6.52
C VAL B 292 2.36 16.98 7.90
N ASN B 293 3.29 17.03 8.85
CA ASN B 293 2.96 17.39 10.23
C ASN B 293 3.20 18.86 10.63
N TRP B 294 3.67 19.67 9.68
CA TRP B 294 3.97 21.09 9.95
C TRP B 294 2.72 21.95 10.14
N ARG B 295 1.63 21.56 9.47
CA ARG B 295 0.36 22.30 9.49
C ARG B 295 -0.26 22.44 10.89
N TYR B 296 0.05 21.50 11.77
CA TYR B 296 -0.64 21.39 13.06
C TYR B 296 0.14 21.98 14.24
N PHE B 297 1.47 21.99 14.14
CA PHE B 297 2.33 22.53 15.19
C PHE B 297 2.62 24.02 15.00
N ARG B 298 2.30 24.54 13.81
CA ARG B 298 2.50 25.96 13.50
C ARG B 298 1.77 26.92 14.47
N PRO B 299 0.47 26.68 14.75
CA PRO B 299 -0.22 27.58 15.67
C PRO B 299 0.31 27.51 17.11
N HIS B 300 0.80 26.34 17.51
CA HIS B 300 1.41 26.16 18.83
C HIS B 300 2.74 26.88 18.93
N LEU B 301 3.54 26.80 17.86
CA LEU B 301 4.85 27.45 17.80
C LEU B 301 4.73 28.96 17.57
N GLU B 302 3.68 29.37 16.86
CA GLU B 302 3.40 30.79 16.63
C GLU B 302 2.92 31.44 17.92
N LYS B 303 1.94 30.83 18.57
CA LYS B 303 1.38 31.30 19.83
C LYS B 303 2.47 31.56 20.87
N LEU B 304 3.46 30.67 20.91
CA LEU B 304 4.62 30.83 21.80
C LEU B 304 5.44 32.06 21.41
N ALA B 305 5.83 32.15 20.15
CA ALA B 305 6.69 33.22 19.64
C ALA B 305 6.16 34.63 19.95
N GLN B 306 4.87 34.86 19.70
CA GLN B 306 4.24 36.15 19.97
C GLN B 306 4.11 36.46 21.46
N GLN B 307 3.75 35.44 22.24
CA GLN B 307 3.61 35.60 23.69
C GLN B 307 4.97 35.62 24.40
N LEU B 308 6.02 35.28 23.67
CA LEU B 308 7.38 35.28 24.21
C LEU B 308 7.95 36.69 24.36
N PRO B 309 8.81 36.89 25.37
CA PRO B 309 9.57 38.13 25.46
C PRO B 309 10.61 38.20 24.36
N ALA B 310 10.43 39.12 23.42
CA ALA B 310 11.36 39.29 22.31
C ALA B 310 12.71 39.81 22.80
N ASP B 311 12.81 40.03 24.10
CA ASP B 311 14.04 40.53 24.71
C ASP B 311 15.22 39.60 24.41
N ASP B 312 15.13 38.37 24.91
CA ASP B 312 16.18 37.39 24.70
C ASP B 312 15.55 36.09 25.19
N SER B 313 14.92 35.36 24.27
CA SER B 313 14.28 34.10 24.61
C SER B 313 14.53 33.15 23.44
N SER B 314 15.56 33.44 22.66
CA SER B 314 15.92 32.61 21.52
C SER B 314 14.85 32.67 20.44
N LYS B 315 14.10 33.76 20.41
CA LYS B 315 13.04 33.95 19.43
C LYS B 315 13.61 33.97 18.01
N ALA B 316 14.92 34.10 17.90
CA ALA B 316 15.58 34.13 16.60
C ALA B 316 15.32 32.87 15.79
N ALA B 317 15.11 31.75 16.49
CA ALA B 317 14.78 30.47 15.85
C ALA B 317 13.32 30.43 15.40
N LEU B 318 12.43 30.91 16.27
CA LEU B 318 10.98 30.89 16.00
C LEU B 318 10.55 31.84 14.88
N THR B 319 11.33 32.90 14.67
CA THR B 319 11.02 33.88 13.62
C THR B 319 11.51 33.43 12.23
N MET B 320 12.40 32.44 12.20
CA MET B 320 12.93 31.89 10.95
C MET B 320 12.19 30.61 10.55
N LEU B 321 11.31 30.15 11.43
CA LEU B 321 10.57 28.89 11.25
C LEU B 321 9.14 29.11 10.76
N LEU B 322 8.47 30.12 11.31
CA LEU B 322 7.05 30.34 11.04
C LEU B 322 6.76 30.79 9.61
N ALA B 323 7.74 31.45 8.98
CA ALA B 323 7.65 31.86 7.58
C ALA B 323 7.81 30.66 6.63
N TRP B 324 8.45 29.60 7.14
CA TRP B 324 8.71 28.38 6.37
C TRP B 324 7.44 27.64 6.02
N ASP B 325 7.32 27.27 4.74
CA ASP B 325 6.26 26.39 4.28
C ASP B 325 6.77 24.95 4.30
N GLY B 326 5.84 24.00 4.48
CA GLY B 326 6.18 22.57 4.58
C GLY B 326 7.08 22.02 3.48
N MET B 327 7.18 22.75 2.38
CA MET B 327 8.01 22.34 1.25
C MET B 327 9.44 22.04 1.70
N GLU B 328 10.08 21.10 1.01
CA GLU B 328 11.44 20.71 1.35
C GLU B 328 12.41 21.04 0.22
N GLN B 329 12.48 22.31 -0.15
CA GLN B 329 13.37 22.77 -1.21
C GLN B 329 14.83 22.59 -0.81
N ASP B 330 15.62 22.01 -1.70
CA ASP B 330 17.04 21.78 -1.45
C ASP B 330 17.91 22.52 -2.45
N GLN B 331 19.22 22.27 -2.37
CA GLN B 331 20.17 22.92 -3.27
C GLN B 331 21.33 21.99 -3.59
N GLY B 332 21.31 21.42 -4.79
CA GLY B 332 22.37 20.50 -5.23
C GLY B 332 22.87 19.54 -4.17
N GLY B 333 21.94 19.01 -3.38
CA GLY B 333 22.28 18.06 -2.32
C GLY B 333 21.86 18.51 -0.93
N GLN B 334 22.21 19.75 -0.57
CA GLN B 334 21.92 20.30 0.75
C GLN B 334 20.63 21.12 0.75
N ASN B 335 19.87 21.02 1.83
CA ASN B 335 18.64 21.80 1.99
C ASN B 335 18.88 23.30 2.07
N ALA B 336 18.00 24.06 1.41
CA ALA B 336 18.10 25.52 1.37
C ALA B 336 17.71 26.16 2.71
N GLY B 337 16.80 25.51 3.43
CA GLY B 337 16.27 26.04 4.68
C GLY B 337 16.69 25.29 5.93
N PRO B 338 17.03 26.04 7.00
CA PRO B 338 17.35 25.51 8.33
C PRO B 338 16.12 24.98 9.05
N ALA B 339 14.96 25.42 8.60
CA ALA B 339 13.69 25.18 9.28
C ALA B 339 13.31 23.70 9.39
N ARG B 340 13.52 22.94 8.32
CA ARG B 340 13.18 21.52 8.33
C ARG B 340 14.14 20.69 9.19
N VAL B 341 15.38 21.16 9.29
CA VAL B 341 16.39 20.54 10.15
C VAL B 341 16.02 20.76 11.61
N LEU B 342 15.59 21.98 11.92
CA LEU B 342 15.20 22.36 13.27
C LEU B 342 13.85 21.76 13.66
N PHE B 343 12.96 21.60 12.69
CA PHE B 343 11.66 20.96 12.91
C PHE B 343 11.81 19.46 13.16
N LYS B 344 12.76 18.84 12.46
CA LYS B 344 13.10 17.43 12.64
C LYS B 344 13.64 17.17 14.05
N THR B 345 14.66 17.95 14.41
CA THR B 345 15.35 17.80 15.68
C THR B 345 14.50 18.24 16.86
N TRP B 346 13.55 19.14 16.60
CA TRP B 346 12.59 19.58 17.61
C TRP B 346 11.61 18.45 17.96
N LEU B 347 11.13 17.75 16.93
CA LEU B 347 10.23 16.62 17.11
C LEU B 347 10.87 15.50 17.93
N GLU B 348 12.15 15.25 17.67
CA GLU B 348 12.92 14.22 18.39
C GLU B 348 13.13 14.59 19.84
N GLU B 349 13.30 15.89 20.11
CA GLU B 349 13.42 16.40 21.47
C GLU B 349 12.08 16.39 22.20
N MET B 350 10.99 16.44 21.42
CA MET B 350 9.64 16.28 21.97
C MET B 350 9.39 14.82 22.35
N TYR B 351 10.01 13.89 21.64
CA TYR B 351 9.92 12.46 21.98
C TYR B 351 10.76 12.12 23.21
N LYS B 352 11.89 12.82 23.35
CA LYS B 352 12.90 12.53 24.37
C LYS B 352 12.42 12.69 25.82
N GLN B 353 11.45 13.56 26.03
CA GLN B 353 10.92 13.81 27.36
C GLN B 353 9.39 13.82 27.35
N VAL B 354 8.81 13.02 26.47
CA VAL B 354 7.36 12.93 26.37
C VAL B 354 6.90 11.48 26.21
N LEU B 355 7.39 10.83 25.15
CA LEU B 355 7.04 9.43 24.89
C LEU B 355 8.22 8.52 25.18
N MET B 356 9.15 8.99 26.01
CA MET B 356 10.33 8.21 26.36
C MET B 356 10.10 7.44 27.65
N PRO B 357 9.68 8.14 28.69
CA PRO B 357 9.43 7.51 29.99
C PRO B 357 8.16 6.65 30.03
N VAL B 358 7.09 7.11 29.38
CA VAL B 358 5.81 6.41 29.38
C VAL B 358 5.82 5.14 28.52
N VAL B 359 6.35 5.24 27.30
CA VAL B 359 6.41 4.11 26.37
C VAL B 359 7.48 3.11 26.81
N PRO B 360 7.14 1.80 26.82
CA PRO B 360 8.12 0.74 27.07
C PRO B 360 9.26 0.77 26.05
N GLU B 361 10.46 0.43 26.50
CA GLU B 361 11.68 0.54 25.68
C GLU B 361 11.74 -0.41 24.48
N SER B 362 11.08 -1.56 24.60
CA SER B 362 11.07 -2.58 23.55
C SER B 362 10.55 -2.05 22.21
N HIS B 363 9.38 -1.41 22.23
CA HIS B 363 8.81 -0.81 21.02
C HIS B 363 8.92 0.71 21.09
N ARG B 364 9.76 1.20 22.01
CA ARG B 364 9.99 2.64 22.16
C ARG B 364 10.29 3.31 20.81
N ALA B 365 10.99 2.58 19.95
CA ALA B 365 11.34 3.04 18.60
C ALA B 365 10.11 3.24 17.70
N MET B 366 9.05 2.48 17.95
CA MET B 366 7.81 2.57 17.18
C MET B 366 7.11 3.92 17.38
N TYR B 367 7.28 4.50 18.56
CA TYR B 367 6.66 5.78 18.91
C TYR B 367 7.58 6.98 18.77
N SER B 368 8.88 6.76 18.95
CA SER B 368 9.86 7.85 18.94
C SER B 368 10.71 7.92 17.66
N GLN B 369 10.09 7.60 16.52
CA GLN B 369 10.69 7.85 15.21
C GLN B 369 10.09 9.10 14.62
N THR B 370 10.87 9.85 13.85
CA THR B 370 10.38 11.11 13.27
C THR B 370 9.54 10.91 12.01
N GLY B 371 9.98 10.01 11.13
CA GLY B 371 9.16 9.60 9.98
C GLY B 371 9.63 10.02 8.60
N PHE B 372 9.84 11.32 8.41
CA PHE B 372 10.15 11.85 7.07
C PHE B 372 11.51 11.45 6.48
N ALA B 373 11.65 11.66 5.17
CA ALA B 373 12.73 11.09 4.38
C ALA B 373 14.09 11.76 4.56
N THR B 374 15.13 10.92 4.55
CA THR B 374 16.52 11.35 4.54
C THR B 374 17.23 10.72 3.34
N GLN B 375 18.33 11.33 2.90
CA GLN B 375 19.10 10.84 1.74
C GLN B 375 19.54 9.39 1.93
N GLN B 376 20.03 9.09 3.13
CA GLN B 376 20.40 7.73 3.53
C GLN B 376 19.14 6.88 3.61
N GLY B 377 19.22 5.67 3.05
CA GLY B 377 18.09 4.74 3.05
C GLY B 377 17.77 4.18 4.43
N PRO B 378 16.64 3.44 4.54
CA PRO B 378 15.70 3.22 3.45
C PRO B 378 14.41 4.06 3.55
N ASN B 379 13.74 4.24 2.41
CA ASN B 379 12.48 4.97 2.36
C ASN B 379 11.29 4.06 2.00
N PRO B 380 10.31 4.00 2.89
CA PRO B 380 9.12 3.17 2.66
C PRO B 380 8.30 3.66 1.49
N GLY B 381 7.87 4.92 1.55
CA GLY B 381 7.06 5.50 0.48
C GLY B 381 6.25 6.69 0.94
N SER B 382 5.23 6.42 1.76
CA SER B 382 4.37 7.47 2.27
C SER B 382 4.90 8.02 3.60
N ILE B 383 5.33 9.28 3.58
CA ILE B 383 5.86 9.92 4.78
C ILE B 383 4.89 9.78 5.95
N ASN B 384 3.77 10.48 5.86
CA ASN B 384 2.76 10.44 6.92
C ASN B 384 3.32 10.90 8.27
N LEU B 385 2.57 10.62 9.34
CA LEU B 385 2.99 10.99 10.68
C LEU B 385 3.15 9.76 11.58
N SER B 386 4.27 9.71 12.28
CA SER B 386 4.55 8.58 13.17
C SER B 386 3.57 8.54 14.33
N MET B 387 3.53 7.42 15.04
CA MET B 387 2.63 7.24 16.17
C MET B 387 2.92 8.27 17.27
N GLY B 388 4.19 8.62 17.42
CA GLY B 388 4.60 9.60 18.42
C GLY B 388 4.13 11.00 18.12
N THR B 389 4.14 11.37 16.85
CA THR B 389 3.63 12.66 16.40
C THR B 389 2.11 12.74 16.65
N LYS B 390 1.43 11.61 16.43
CA LYS B 390 -0.02 11.52 16.62
C LYS B 390 -0.45 11.57 18.09
N VAL B 391 0.25 10.80 18.94
CA VAL B 391 -0.02 10.79 20.38
C VAL B 391 0.22 12.17 20.98
N LEU B 392 1.23 12.87 20.47
CA LEU B 392 1.55 14.24 20.88
C LEU B 392 0.44 15.22 20.48
N LEU B 393 -0.18 14.97 19.33
CA LEU B 393 -1.24 15.84 18.81
C LEU B 393 -2.56 15.72 19.56
N ARG B 394 -2.97 14.48 19.87
CA ARG B 394 -4.23 14.27 20.60
C ARG B 394 -4.09 14.49 22.10
N ALA B 395 -2.86 14.56 22.59
CA ALA B 395 -2.59 14.94 23.97
C ALA B 395 -2.76 16.44 24.16
N LEU B 396 -2.58 17.20 23.08
CA LEU B 396 -2.85 18.63 23.05
C LEU B 396 -4.35 18.89 23.16
N VAL B 397 -5.15 18.03 22.52
CA VAL B 397 -6.60 18.06 22.61
C VAL B 397 -7.05 17.71 24.03
N LEU B 398 -6.37 16.72 24.62
CA LEU B 398 -6.65 16.26 25.99
C LEU B 398 -6.36 17.33 27.04
N GLU B 399 -5.31 18.13 26.82
CA GLU B 399 -4.99 19.25 27.70
C GLU B 399 -6.03 20.36 27.57
N ALA B 400 -6.47 20.60 26.33
CA ALA B 400 -7.48 21.61 26.04
C ALA B 400 -8.86 21.22 26.56
N HIS B 401 -9.15 19.92 26.55
CA HIS B 401 -10.42 19.40 27.04
C HIS B 401 -10.16 18.23 28.00
N PRO B 402 -9.90 18.55 29.29
CA PRO B 402 -9.51 17.56 30.29
C PRO B 402 -10.58 16.51 30.56
N ASP B 403 -10.14 15.25 30.59
CA ASP B 403 -11.00 14.13 30.94
C ASP B 403 -10.42 13.51 32.20
N PRO B 404 -11.13 13.64 33.34
CA PRO B 404 -10.64 13.21 34.67
C PRO B 404 -10.35 11.72 34.77
N LYS B 405 -11.07 10.91 34.00
CA LYS B 405 -10.86 9.47 33.96
C LYS B 405 -9.64 9.11 33.08
N ARG B 406 -9.34 9.99 32.13
CA ARG B 406 -8.27 9.79 31.17
C ARG B 406 -6.95 10.39 31.67
N VAL B 407 -5.83 9.73 31.34
CA VAL B 407 -4.51 10.16 31.78
C VAL B 407 -3.78 10.94 30.69
N ASN B 408 -3.15 12.05 31.07
CA ASN B 408 -2.41 12.89 30.14
C ASN B 408 -0.91 12.58 30.11
N VAL B 409 -0.32 12.67 28.92
CA VAL B 409 1.10 12.37 28.73
C VAL B 409 2.00 13.52 29.21
N PHE B 410 1.46 14.74 29.16
CA PHE B 410 2.17 15.92 29.68
C PHE B 410 2.29 15.86 31.19
N GLY B 411 1.20 15.48 31.86
CA GLY B 411 1.18 15.27 33.30
C GLY B 411 1.28 16.54 34.12
N GLU B 412 2.46 16.79 34.67
CA GLU B 412 2.70 17.93 35.56
C GLU B 412 3.10 19.20 34.80
N ARG B 413 3.09 19.13 33.47
CA ARG B 413 3.60 20.23 32.64
C ARG B 413 2.59 20.74 31.62
N SER B 414 2.74 22.01 31.25
CA SER B 414 1.98 22.61 30.16
C SER B 414 2.62 22.21 28.83
N SER B 415 1.83 22.27 27.75
CA SER B 415 2.30 21.91 26.42
C SER B 415 3.44 22.81 25.95
N GLN B 416 3.39 24.08 26.33
CA GLN B 416 4.39 25.07 25.91
C GLN B 416 5.69 25.00 26.72
N GLU B 417 5.59 24.52 27.94
CA GLU B 417 6.77 24.39 28.80
C GLU B 417 7.75 23.37 28.23
N ILE B 418 7.21 22.28 27.70
CA ILE B 418 8.03 21.23 27.09
C ILE B 418 8.50 21.65 25.71
N MET B 419 7.62 22.31 24.96
CA MET B 419 7.95 22.79 23.62
C MET B 419 9.10 23.79 23.67
N HIS B 420 9.03 24.70 24.63
CA HIS B 420 10.07 25.72 24.80
C HIS B 420 11.43 25.06 25.05
N THR B 421 11.45 24.07 25.95
CA THR B 421 12.66 23.35 26.31
C THR B 421 13.21 22.54 25.13
N ALA B 422 12.30 21.86 24.43
CA ALA B 422 12.66 21.04 23.27
C ALA B 422 13.28 21.85 22.14
N LEU B 423 12.77 23.07 21.96
CA LEU B 423 13.30 24.00 20.94
C LEU B 423 14.72 24.43 21.30
N GLN B 424 14.95 24.71 22.58
CA GLN B 424 16.27 25.09 23.08
C GLN B 424 17.23 23.92 23.04
N ASN B 425 16.72 22.71 23.32
CA ASN B 425 17.50 21.48 23.24
C ASN B 425 17.86 21.15 21.79
N ALA B 426 16.92 21.40 20.87
CA ALA B 426 17.15 21.23 19.44
C ALA B 426 18.17 22.24 18.93
N GLN B 427 18.05 23.48 19.40
CA GLN B 427 19.02 24.53 19.08
C GLN B 427 20.40 24.19 19.64
N ALA B 428 20.42 23.65 20.86
CA ALA B 428 21.66 23.22 21.50
C ALA B 428 22.25 21.99 20.82
N ARG B 429 21.39 21.17 20.21
CA ARG B 429 21.82 19.97 19.50
C ARG B 429 22.44 20.33 18.14
N LEU B 430 21.80 21.25 17.42
CA LEU B 430 22.32 21.74 16.15
C LEU B 430 23.54 22.63 16.38
N SER B 431 23.56 23.37 17.49
CA SER B 431 24.68 24.26 17.81
C SER B 431 25.90 23.49 18.29
N GLN B 432 25.70 22.27 18.78
CA GLN B 432 26.78 21.46 19.34
C GLN B 432 27.67 20.83 18.26
N GLU B 433 27.04 20.30 17.21
CA GLU B 433 27.78 19.68 16.12
C GLU B 433 27.74 20.54 14.86
N GLN B 434 26.52 20.82 14.39
CA GLN B 434 26.35 21.64 13.19
C GLN B 434 27.13 22.94 13.30
N GLY B 435 27.53 23.47 12.15
CA GLY B 435 28.28 24.72 12.10
C GLY B 435 27.89 25.66 13.22
N ALA B 436 26.67 25.53 13.70
CA ALA B 436 26.17 26.39 14.77
C ALA B 436 25.82 27.78 14.26
N GLN B 437 25.39 27.84 13.00
CA GLN B 437 25.03 29.11 12.39
C GLN B 437 23.69 29.01 11.66
N MET B 438 22.63 29.44 12.33
CA MET B 438 21.29 29.40 11.76
C MET B 438 21.31 29.75 10.27
N ALA B 439 22.26 30.61 9.89
CA ALA B 439 22.40 31.04 8.50
C ALA B 439 23.07 29.97 7.66
N ARG B 440 23.30 28.80 8.26
CA ARG B 440 23.94 27.69 7.56
C ARG B 440 23.32 26.36 7.95
N TRP B 441 22.20 26.41 8.67
CA TRP B 441 21.50 25.21 9.11
C TRP B 441 21.01 24.40 7.92
N THR B 442 21.66 23.27 7.66
CA THR B 442 21.28 22.41 6.55
C THR B 442 21.39 20.91 6.83
N MET B 443 20.40 20.15 6.37
CA MET B 443 20.47 18.70 6.34
C MET B 443 20.43 18.23 4.89
N PRO B 444 21.11 17.10 4.58
CA PRO B 444 21.12 16.61 3.20
C PRO B 444 19.72 16.23 2.72
N THR B 445 19.42 16.55 1.46
CA THR B 445 18.10 16.37 0.90
C THR B 445 17.78 14.90 0.63
N SER B 446 16.53 14.54 0.88
CA SER B 446 16.02 13.20 0.61
C SER B 446 16.21 12.80 -0.85
N VAL B 447 16.66 11.56 -1.06
CA VAL B 447 16.90 11.02 -2.39
C VAL B 447 15.92 9.89 -2.67
N HIS B 448 15.27 9.97 -3.83
CA HIS B 448 14.31 8.97 -4.28
C HIS B 448 15.06 7.77 -4.85
N ARG B 449 14.62 6.56 -4.51
CA ARG B 449 15.35 5.35 -4.89
C ARG B 449 14.46 4.24 -5.45
N PHE B 450 15.00 3.50 -6.42
CA PHE B 450 14.31 2.35 -7.02
C PHE B 450 15.03 1.07 -6.64
N SER B 451 14.40 0.28 -5.77
CA SER B 451 14.99 -0.96 -5.27
C SER B 451 15.17 -2.00 -6.36
N ASP B 452 16.27 -2.74 -6.28
CA ASP B 452 16.56 -3.84 -7.21
C ASP B 452 15.87 -5.13 -6.78
N LYS B 453 14.87 -5.00 -5.91
CA LYS B 453 14.11 -6.13 -5.38
C LYS B 453 12.72 -5.69 -4.93
N ASN B 454 11.78 -6.63 -4.92
CA ASN B 454 10.43 -6.35 -4.42
C ASN B 454 10.39 -6.13 -2.91
N PHE B 455 9.21 -5.83 -2.37
CA PHE B 455 9.04 -5.52 -0.95
C PHE B 455 9.38 -6.68 0.00
N THR B 456 9.35 -7.91 -0.52
CA THR B 456 9.62 -9.10 0.29
C THR B 456 11.11 -9.29 0.59
N GLY B 457 11.96 -8.70 -0.25
CA GLY B 457 13.41 -8.86 -0.14
C GLY B 457 13.97 -9.70 -1.28
N THR B 458 13.07 -10.30 -2.04
CA THR B 458 13.42 -11.14 -3.19
C THR B 458 13.80 -10.26 -4.39
N PRO B 459 15.00 -10.49 -4.97
CA PRO B 459 15.52 -9.66 -6.06
C PRO B 459 14.73 -9.79 -7.36
N GLN B 460 14.40 -8.65 -7.97
CA GLN B 460 13.75 -8.61 -9.27
C GLN B 460 14.80 -8.56 -10.38
N THR B 461 16.02 -8.15 -10.01
CA THR B 461 17.12 -8.01 -10.96
C THR B 461 18.48 -8.18 -10.26
N MET B 462 19.55 -8.15 -11.05
CA MET B 462 20.93 -8.26 -10.55
C MET B 462 21.27 -7.14 -9.56
N PRO B 463 21.92 -7.49 -8.43
CA PRO B 463 22.23 -6.56 -7.34
C PRO B 463 23.06 -5.37 -7.81
N GLY B 464 22.54 -4.16 -7.60
CA GLY B 464 23.21 -2.93 -8.03
C GLY B 464 22.44 -2.14 -9.06
N ASN B 465 21.59 -2.84 -9.82
CA ASN B 465 20.76 -2.20 -10.85
C ASN B 465 19.66 -1.36 -10.21
N THR B 466 19.97 -0.10 -9.95
CA THR B 466 19.07 0.81 -9.25
C THR B 466 18.97 2.17 -9.94
N PHE B 467 18.01 2.99 -9.50
CA PHE B 467 17.86 4.35 -10.00
C PHE B 467 17.74 5.36 -8.86
N ALA B 468 18.21 6.58 -9.12
CA ALA B 468 18.23 7.65 -8.11
C ALA B 468 17.58 8.94 -8.61
N PHE B 469 17.23 9.80 -7.67
CA PHE B 469 16.57 11.07 -7.95
C PHE B 469 17.43 12.22 -7.44
N THR B 470 16.91 13.43 -7.52
CA THR B 470 17.61 14.61 -6.97
C THR B 470 17.37 14.84 -5.46
N GLY B 471 16.11 14.96 -4.99
CA GLY B 471 14.91 14.98 -5.83
C GLY B 471 13.62 14.42 -5.28
N TYR B 472 13.67 13.74 -4.13
CA TYR B 472 12.53 13.00 -3.57
C TYR B 472 11.18 13.70 -3.67
N GLN B 473 10.18 12.96 -4.13
CA GLN B 473 8.79 13.43 -4.21
C GLN B 473 7.87 12.45 -3.50
N ASN B 474 7.10 12.95 -2.54
CA ASN B 474 6.10 12.14 -1.86
C ASN B 474 4.83 12.00 -2.69
N ARG B 475 4.85 11.04 -3.60
CA ARG B 475 3.73 10.79 -4.50
C ARG B 475 3.50 9.30 -4.66
N GLY B 476 2.70 8.93 -5.66
CA GLY B 476 2.46 7.52 -5.96
C GLY B 476 3.61 6.89 -6.71
N THR B 477 3.70 5.57 -6.63
CA THR B 477 4.63 4.78 -7.45
C THR B 477 4.33 5.02 -8.93
N GLU B 478 3.06 5.33 -9.21
CA GLU B 478 2.57 5.60 -10.55
C GLU B 478 1.51 6.71 -10.43
N ASN B 479 1.37 7.53 -11.47
CA ASN B 479 0.38 8.59 -11.48
C ASN B 479 -0.50 8.58 -12.72
N ASN B 480 -1.80 8.33 -12.52
CA ASN B 480 -2.77 8.33 -13.62
C ASN B 480 -3.86 9.39 -13.45
N ARG B 481 -4.30 9.95 -14.58
CA ARG B 481 -5.33 10.96 -14.62
C ARG B 481 -6.34 10.65 -15.73
N VAL B 482 -7.63 10.75 -15.41
CA VAL B 482 -8.68 10.48 -16.37
C VAL B 482 -9.59 11.70 -16.55
N VAL B 483 -9.67 12.20 -17.78
CA VAL B 483 -10.49 13.36 -18.08
C VAL B 483 -11.64 12.98 -19.02
N PHE B 484 -12.84 13.45 -18.69
CA PHE B 484 -14.02 13.17 -19.51
C PHE B 484 -14.60 14.45 -20.09
N ASP B 485 -14.70 14.51 -21.41
CA ASP B 485 -15.24 15.67 -22.09
C ASP B 485 -16.19 15.26 -23.22
N ALA B 486 -17.22 16.06 -23.44
CA ALA B 486 -18.19 15.77 -24.49
C ALA B 486 -17.54 15.06 -25.67
N LYS B 487 -16.25 15.33 -25.88
CA LYS B 487 -15.51 14.71 -26.98
C LYS B 487 -15.29 13.23 -26.72
N GLY B 488 -14.84 12.89 -25.51
CA GLY B 488 -14.58 11.52 -25.14
C GLY B 488 -13.80 11.40 -23.86
N VAL B 489 -12.91 10.42 -23.80
CA VAL B 489 -12.09 10.19 -22.62
C VAL B 489 -10.60 10.29 -22.95
N GLU B 490 -9.78 10.49 -21.91
CA GLU B 490 -8.34 10.59 -22.08
C GLU B 490 -7.59 10.02 -20.89
N PHE B 491 -6.85 8.94 -21.13
CA PHE B 491 -6.07 8.29 -20.08
C PHE B 491 -4.67 8.88 -20.06
N CYS B 492 -4.28 9.38 -18.89
CA CYS B 492 -3.05 10.16 -18.76
C CYS B 492 -2.22 9.65 -17.58
N ASP B 493 -1.22 8.84 -17.87
CA ASP B 493 -0.35 8.28 -16.83
C ASP B 493 1.12 8.36 -17.24
N ALA B 494 1.99 7.92 -16.34
CA ALA B 494 3.43 7.95 -16.60
C ALA B 494 4.18 7.09 -15.59
N MET B 495 3.96 5.77 -15.65
CA MET B 495 4.61 4.84 -14.75
C MET B 495 6.09 4.69 -15.09
N PRO B 496 6.95 5.12 -14.17
CA PRO B 496 8.40 5.04 -14.37
C PRO B 496 8.97 3.73 -13.84
N PRO B 497 10.11 3.30 -14.38
CA PRO B 497 10.78 4.07 -15.44
C PRO B 497 10.22 3.74 -16.82
N GLY B 498 10.02 2.46 -17.08
CA GLY B 498 9.49 2.02 -18.37
C GLY B 498 8.57 0.83 -18.25
N GLN B 499 8.20 0.25 -19.38
CA GLN B 499 7.32 -0.91 -19.40
C GLN B 499 8.07 -2.17 -19.81
N SER B 500 9.38 -2.05 -19.97
CA SER B 500 10.22 -3.18 -20.36
C SER B 500 11.42 -3.34 -19.43
N GLY B 501 11.39 -4.42 -18.64
CA GLY B 501 12.51 -4.75 -17.76
C GLY B 501 13.48 -5.72 -18.41
N PHE B 502 13.47 -5.74 -19.75
CA PHE B 502 14.31 -6.65 -20.52
C PHE B 502 15.69 -6.07 -20.77
N THR B 503 16.71 -6.85 -20.42
CA THR B 503 18.09 -6.54 -20.75
C THR B 503 18.62 -7.66 -21.63
N ASP B 504 18.95 -7.33 -22.87
CA ASP B 504 19.55 -8.26 -23.81
C ASP B 504 20.82 -8.83 -23.19
N ARG B 505 20.99 -10.14 -23.28
CA ARG B 505 22.04 -10.86 -22.53
C ARG B 505 23.45 -10.26 -22.68
N ASN B 506 23.68 -9.54 -23.77
CA ASN B 506 24.92 -8.78 -23.97
C ASN B 506 25.07 -7.66 -22.94
N GLY B 507 23.99 -6.90 -22.76
CA GLY B 507 23.98 -5.80 -21.79
C GLY B 507 23.05 -4.65 -22.16
N VAL B 508 22.71 -4.57 -23.44
CA VAL B 508 21.85 -3.49 -23.94
C VAL B 508 20.39 -3.66 -23.48
N ARG B 509 19.75 -2.54 -23.17
CA ARG B 509 18.39 -2.53 -22.64
C ARG B 509 17.37 -2.25 -23.74
N SER B 510 16.12 -2.63 -23.48
CA SER B 510 15.00 -2.33 -24.37
C SER B 510 14.78 -0.81 -24.41
N PRO B 511 14.44 -0.27 -25.60
CA PRO B 511 14.20 1.17 -25.76
C PRO B 511 13.19 1.75 -24.77
N HIS B 512 12.32 0.91 -24.23
CA HIS B 512 11.32 1.34 -23.26
C HIS B 512 11.69 0.90 -21.85
N TYR B 513 12.98 0.89 -21.56
CA TYR B 513 13.46 0.48 -20.24
C TYR B 513 13.39 1.63 -19.24
N GLU B 514 13.61 2.85 -19.73
CA GLU B 514 13.57 4.03 -18.88
C GLU B 514 13.00 5.23 -19.63
N ASP B 515 12.11 4.96 -20.59
CA ASP B 515 11.49 6.01 -21.37
C ASP B 515 10.32 6.64 -20.63
N GLN B 516 10.29 6.45 -19.32
CA GLN B 516 9.23 7.00 -18.49
C GLN B 516 9.74 7.37 -17.10
N LEU B 517 10.98 7.85 -17.04
CA LEU B 517 11.59 8.24 -15.78
C LEU B 517 11.85 9.74 -15.73
N LYS B 518 12.07 10.33 -16.90
CA LYS B 518 12.34 11.77 -17.00
C LYS B 518 11.04 12.57 -16.94
N LEU B 519 9.95 11.96 -17.37
CA LEU B 519 8.64 12.61 -17.36
C LEU B 519 7.90 12.44 -16.03
N TYR B 520 8.21 11.38 -15.31
CA TYR B 520 7.70 11.19 -13.94
C TYR B 520 8.33 12.22 -13.01
N GLU B 521 9.63 12.46 -13.20
CA GLU B 521 10.36 13.46 -12.43
C GLU B 521 9.78 14.86 -12.61
N ASN B 522 9.37 15.15 -13.85
CA ASN B 522 8.87 16.48 -14.22
C ASN B 522 7.34 16.60 -14.14
N PHE B 523 6.69 15.63 -13.50
CA PHE B 523 5.23 15.59 -13.36
C PHE B 523 4.49 15.64 -14.70
N GLU B 524 5.15 15.14 -15.75
CA GLU B 524 4.56 15.08 -17.08
C GLU B 524 3.74 13.80 -17.25
N CYS B 525 2.81 13.84 -18.20
CA CYS B 525 1.98 12.68 -18.51
C CYS B 525 2.28 12.10 -19.90
N LYS B 526 2.09 10.79 -20.02
CA LYS B 526 2.14 10.10 -21.29
C LYS B 526 0.74 9.63 -21.67
N THR B 527 0.31 9.97 -22.89
CA THR B 527 -1.05 9.65 -23.35
C THR B 527 -1.17 8.19 -23.76
N MET B 528 -2.18 7.51 -23.19
CA MET B 528 -2.50 6.14 -23.53
C MET B 528 -3.67 6.14 -24.53
N ASP B 529 -3.51 5.42 -25.63
CA ASP B 529 -4.52 5.35 -26.68
C ASP B 529 -5.74 4.55 -26.21
N VAL B 530 -6.92 5.15 -26.32
CA VAL B 530 -8.15 4.57 -25.75
C VAL B 530 -9.18 4.12 -26.80
N THR B 531 -9.53 5.01 -27.73
CA THR B 531 -10.48 4.68 -28.80
C THR B 531 -9.76 3.92 -29.91
N HIS B 532 -10.42 2.89 -30.44
CA HIS B 532 -9.80 1.99 -31.43
C HIS B 532 -9.04 2.71 -32.54
N ALA B 533 -9.68 3.73 -33.13
CA ALA B 533 -9.07 4.53 -34.19
C ALA B 533 -7.67 5.04 -33.83
N ASP B 534 -7.48 5.41 -32.56
CA ASP B 534 -6.18 5.85 -32.05
C ASP B 534 -5.19 4.69 -31.91
N ILE B 535 -5.67 3.55 -31.39
CA ILE B 535 -4.84 2.34 -31.27
C ILE B 535 -4.42 1.85 -32.67
N ARG B 536 -5.34 1.94 -33.63
CA ARG B 536 -5.08 1.57 -35.01
C ARG B 536 -4.01 2.44 -35.65
N ARG B 537 -4.10 3.75 -35.40
CA ARG B 537 -3.27 4.75 -36.05
C ARG B 537 -1.90 4.92 -35.40
N ASN B 538 -1.85 4.80 -34.08
CA ASN B 538 -0.66 5.16 -33.31
C ASN B 538 0.29 4.01 -32.95
N ALA B 539 -0.10 2.78 -33.27
CA ALA B 539 0.71 1.61 -32.96
C ALA B 539 1.89 1.46 -33.92
N GLN B 540 3.09 1.30 -33.37
CA GLN B 540 4.31 1.18 -34.17
C GLN B 540 4.63 -0.27 -34.54
N SER B 541 4.55 -1.16 -33.55
CA SER B 541 4.87 -2.57 -33.75
C SER B 541 3.67 -3.47 -33.50
N SER B 542 3.33 -4.29 -34.49
CA SER B 542 2.20 -5.21 -34.39
C SER B 542 2.63 -6.66 -34.66
N THR B 543 2.33 -7.54 -33.71
CA THR B 543 2.62 -8.96 -33.86
C THR B 543 1.34 -9.80 -33.69
N MET B 544 1.14 -10.73 -34.62
CA MET B 544 -0.07 -11.56 -34.63
C MET B 544 0.23 -13.01 -34.23
N LEU B 545 -0.62 -13.56 -33.37
CA LEU B 545 -0.45 -14.93 -32.87
C LEU B 545 -1.67 -15.79 -33.22
N LEU B 546 -1.40 -17.01 -33.68
CA LEU B 546 -2.45 -17.96 -34.06
C LEU B 546 -2.51 -19.11 -33.07
N ILE B 547 -3.68 -19.30 -32.45
CA ILE B 547 -3.87 -20.34 -31.43
C ILE B 547 -5.22 -21.04 -31.50
N GLN B 548 -5.28 -22.23 -30.92
CA GLN B 548 -6.54 -22.92 -30.67
C GLN B 548 -6.61 -23.45 -29.24
N PRO B 549 -7.55 -22.94 -28.46
CA PRO B 549 -7.70 -23.35 -27.06
C PRO B 549 -8.48 -24.66 -26.95
N GLN B 550 -7.77 -25.76 -26.74
CA GLN B 550 -8.40 -27.07 -26.61
C GLN B 550 -8.00 -27.74 -25.30
N PRO B 551 -8.97 -28.43 -24.69
CA PRO B 551 -8.72 -29.13 -23.43
C PRO B 551 -7.25 -29.46 -23.24
CA CA C . -7.85 -7.41 14.18
#